data_8SIR
#
_entry.id   8SIR
#
_cell.length_a   135.867
_cell.length_b   135.867
_cell.length_c   87.134
_cell.angle_alpha   90.00
_cell.angle_beta   90.00
_cell.angle_gamma   120.00
#
_symmetry.space_group_name_H-M   'P 32 2 1'
#
loop_
_entity.id
_entity.type
_entity.pdbx_description
1 polymer 'Spike protein S1'
2 polymer 'CC25.54 Fab heavy chain'
3 polymer 'CC25.54 Fab light chain'
4 non-polymer 2-acetamido-2-deoxy-beta-D-glucopyranose
#
loop_
_entity_poly.entity_id
_entity_poly.type
_entity_poly.pdbx_seq_one_letter_code
_entity_poly.pdbx_strand_id
1 'polypeptide(L)'
;TNLCPFGEVFNATRFASVYAWNRKRISNCVADYSVLYNSASFSTFKCYGVSPTKLNDLCFTNVYADSFVIRGDEVRQIAP
GQTGKIADYNYKLPDDFTGCVIAWNSNNLDSKVGGNYNYLYRLFRKSNLKPFERDISTEIYQAGSTPCNGVEGFNCYFPL
QSYGFQPTNGVGYQPYRVVVLSFELLHAPATVCGPKKSGHHHHHH
;
A
2 'polypeptide(L)'
;QVQLQESGPGLVKPSETLSLTCTVSGGSVSSHNFHWSWIRQPPGKGLELIGEIYYSGSTIHSPSLKSRTTNYNPSLKSRV
TMSVDTSKNQVSLKLGSVTAADTAVYYCARELYYYDRSGYYVHDGFDIWGPGTTVTVSSASTKGPSVFPLAPSSKSTSGG
TAALGCLVKDYFPEPVTVSWNSGALTSGVHTFPAVLQSSGLYSLSSVVTVPSSSLGTQTYICNVNHKPSNTKVDKRVEPK
SC
;
H
3 'polypeptide(L)'
;DIQMTQSPSTLSASVGDSVSITCRASQSISSWLAWYQQKPGTAPKLLIYKASSLESGVPSRFSGRGSGTEFTLTISSLQP
DDFATYYCQQYNTYPWTFGQGTKVEIKRTVAAPSVFIFPPSDEQLKSGTASVVCLLNNFYPREAKVQWKVDNALQSGNSQ
ESVTEQDSKDSTYSLSSTLTLSKADYEKHKVYACEVTHQGLSSPVTKSFNRGECS
;
L
#
loop_
_chem_comp.id
_chem_comp.type
_chem_comp.name
_chem_comp.formula
NAG D-saccharide, beta linking 2-acetamido-2-deoxy-beta-D-glucopyranose 'C8 H15 N O6'
#
# COMPACT_ATOMS: atom_id res chain seq x y z
N ASN A 2 -44.43 6.83 -23.98
CA ASN A 2 -43.66 7.62 -23.02
C ASN A 2 -42.20 7.18 -22.99
N LEU A 3 -41.28 8.14 -22.90
CA LEU A 3 -39.86 7.88 -22.81
C LEU A 3 -39.34 8.41 -21.49
N CYS A 4 -38.51 7.61 -20.83
CA CYS A 4 -38.02 7.96 -19.50
C CYS A 4 -37.18 9.23 -19.55
N PRO A 5 -37.42 10.20 -18.67
CA PRO A 5 -36.70 11.49 -18.73
C PRO A 5 -35.31 11.41 -18.13
N PHE A 6 -34.45 10.61 -18.75
CA PHE A 6 -33.05 10.55 -18.33
C PHE A 6 -32.33 11.84 -18.65
N GLY A 7 -32.65 12.47 -19.78
CA GLY A 7 -32.03 13.73 -20.12
C GLY A 7 -32.39 14.84 -19.16
N GLU A 8 -33.55 14.74 -18.51
CA GLU A 8 -33.92 15.70 -17.48
C GLU A 8 -32.94 15.65 -16.31
N VAL A 9 -32.38 14.48 -16.02
CA VAL A 9 -31.42 14.36 -14.94
C VAL A 9 -30.02 14.69 -15.43
N PHE A 10 -29.65 14.16 -16.60
CA PHE A 10 -28.31 14.35 -17.13
C PHE A 10 -28.11 15.77 -17.67
N ASN A 11 -28.80 16.11 -18.76
CA ASN A 11 -28.66 17.44 -19.37
C ASN A 11 -29.51 18.44 -18.59
N ALA A 12 -29.07 18.70 -17.36
CA ALA A 12 -29.73 19.62 -16.45
C ALA A 12 -28.86 20.87 -16.27
N THR A 13 -29.53 22.01 -16.07
CA THR A 13 -28.81 23.28 -15.93
C THR A 13 -27.99 23.30 -14.65
N ARG A 14 -28.65 23.12 -13.51
CA ARG A 14 -27.99 23.17 -12.21
C ARG A 14 -28.06 21.81 -11.54
N PHE A 15 -26.91 21.31 -11.12
CA PHE A 15 -26.81 20.07 -10.35
C PHE A 15 -26.77 20.40 -8.87
N ALA A 16 -26.94 19.38 -8.05
CA ALA A 16 -26.97 19.53 -6.60
C ALA A 16 -25.61 19.20 -6.00
N SER A 17 -25.40 19.65 -4.77
CA SER A 17 -24.18 19.35 -4.05
C SER A 17 -24.22 17.92 -3.51
N VAL A 18 -23.08 17.44 -3.01
CA VAL A 18 -22.97 16.04 -2.61
C VAL A 18 -23.75 15.79 -1.33
N TYR A 19 -23.66 16.71 -0.37
CA TYR A 19 -24.42 16.57 0.88
C TYR A 19 -25.92 16.67 0.67
N ALA A 20 -26.37 16.99 -0.55
CA ALA A 20 -27.79 17.07 -0.87
C ALA A 20 -28.01 16.57 -2.30
N TRP A 21 -27.59 15.35 -2.57
CA TRP A 21 -27.78 14.73 -3.88
C TRP A 21 -29.27 14.64 -4.19
N ASN A 22 -29.60 14.70 -5.48
CA ASN A 22 -31.00 14.71 -5.91
C ASN A 22 -31.38 13.35 -6.48
N ARG A 23 -32.38 12.72 -5.87
CA ARG A 23 -32.88 11.41 -6.28
C ARG A 23 -34.18 11.61 -7.07
N LYS A 24 -34.13 11.28 -8.35
CA LYS A 24 -35.30 11.33 -9.23
C LYS A 24 -35.77 9.92 -9.51
N ARG A 25 -37.06 9.65 -9.27
CA ARG A 25 -37.62 8.32 -9.47
C ARG A 25 -38.13 8.21 -10.91
N ILE A 26 -37.36 7.50 -11.73
CA ILE A 26 -37.81 7.13 -13.07
C ILE A 26 -38.73 5.92 -12.95
N SER A 27 -39.94 6.06 -13.48
CA SER A 27 -40.95 5.01 -13.42
C SER A 27 -42.03 5.31 -14.44
N ASN A 28 -42.69 4.23 -14.91
CA ASN A 28 -43.82 4.31 -15.83
C ASN A 28 -43.42 4.95 -17.16
N CYS A 29 -42.39 4.36 -17.78
CA CYS A 29 -41.88 4.85 -19.05
C CYS A 29 -40.99 3.79 -19.66
N VAL A 30 -40.55 4.04 -20.90
CA VAL A 30 -39.61 3.20 -21.62
C VAL A 30 -38.27 3.92 -21.65
N ALA A 31 -37.20 3.20 -21.34
CA ALA A 31 -35.87 3.79 -21.19
C ALA A 31 -34.90 3.14 -22.16
N ASP A 32 -34.34 3.93 -23.06
CA ASP A 32 -33.27 3.50 -23.95
C ASP A 32 -31.94 3.92 -23.34
N TYR A 33 -31.28 3.00 -22.65
CA TYR A 33 -29.98 3.30 -22.05
C TYR A 33 -28.89 3.46 -23.07
N SER A 34 -29.15 3.16 -24.35
CA SER A 34 -28.15 3.33 -25.40
C SER A 34 -27.60 4.74 -25.42
N VAL A 35 -28.50 5.74 -25.36
CA VAL A 35 -28.15 7.15 -25.42
C VAL A 35 -27.09 7.47 -24.36
N LEU A 36 -26.99 6.63 -23.33
CA LEU A 36 -25.97 6.82 -22.31
C LEU A 36 -24.69 6.05 -22.61
N TYR A 37 -24.78 4.77 -22.98
CA TYR A 37 -23.57 3.99 -23.17
C TYR A 37 -22.98 4.13 -24.56
N ASN A 38 -23.60 4.93 -25.43
CA ASN A 38 -23.06 5.26 -26.73
C ASN A 38 -22.55 6.68 -26.82
N SER A 39 -22.59 7.43 -25.71
CA SER A 39 -22.13 8.82 -25.67
C SER A 39 -20.79 8.88 -24.96
N ALA A 40 -19.80 9.48 -25.62
CA ALA A 40 -18.44 9.55 -25.10
C ALA A 40 -18.22 10.75 -24.19
N SER A 41 -19.28 11.49 -23.84
CA SER A 41 -19.12 12.67 -23.00
C SER A 41 -18.73 12.32 -21.56
N PHE A 42 -18.94 11.08 -21.15
CA PHE A 42 -18.68 10.68 -19.78
C PHE A 42 -17.28 10.10 -19.63
N SER A 43 -16.61 10.50 -18.54
CA SER A 43 -15.27 10.00 -18.27
C SER A 43 -15.27 8.74 -17.43
N THR A 44 -16.30 8.53 -16.61
CA THR A 44 -16.38 7.34 -15.76
C THR A 44 -17.75 6.70 -15.99
N PHE A 45 -17.77 5.52 -16.58
CA PHE A 45 -19.02 4.79 -16.84
C PHE A 45 -18.80 3.37 -16.32
N LYS A 46 -19.16 3.13 -15.06
CA LYS A 46 -18.92 1.84 -14.41
C LYS A 46 -20.24 1.29 -13.89
N CYS A 47 -20.61 0.12 -14.37
CA CYS A 47 -21.86 -0.52 -13.99
C CYS A 47 -21.56 -1.78 -13.19
N TYR A 48 -21.98 -1.79 -11.93
CA TYR A 48 -21.70 -2.89 -11.02
C TYR A 48 -22.94 -3.76 -10.89
N GLY A 49 -22.81 -5.05 -11.20
CA GLY A 49 -23.87 -6.01 -11.07
C GLY A 49 -24.67 -6.26 -12.34
N VAL A 50 -24.74 -5.27 -13.23
CA VAL A 50 -25.48 -5.40 -14.47
C VAL A 50 -24.60 -4.94 -15.63
N SER A 51 -24.84 -5.51 -16.80
CA SER A 51 -24.12 -5.10 -17.99
C SER A 51 -24.85 -3.95 -18.67
N PRO A 52 -24.16 -2.85 -19.02
CA PRO A 52 -24.85 -1.74 -19.70
C PRO A 52 -25.55 -2.15 -20.97
N THR A 53 -24.99 -3.11 -21.72
CA THR A 53 -25.62 -3.57 -22.94
C THR A 53 -26.87 -4.38 -22.65
N LYS A 54 -26.84 -5.19 -21.58
CA LYS A 54 -27.96 -6.07 -21.23
C LYS A 54 -28.97 -5.35 -20.33
N LEU A 55 -29.31 -4.11 -20.68
CA LEU A 55 -30.31 -3.35 -19.95
C LEU A 55 -31.51 -2.97 -20.79
N ASN A 56 -31.34 -2.75 -22.11
CA ASN A 56 -32.47 -2.41 -22.96
C ASN A 56 -33.43 -3.58 -23.14
N ASP A 57 -33.00 -4.80 -22.81
CA ASP A 57 -33.87 -5.97 -22.80
C ASP A 57 -34.33 -6.33 -21.40
N LEU A 58 -33.92 -5.57 -20.39
CA LEU A 58 -34.19 -5.90 -19.01
C LEU A 58 -35.31 -5.00 -18.49
N CYS A 59 -36.04 -5.49 -17.49
CA CYS A 59 -37.18 -4.76 -16.95
C CYS A 59 -37.00 -4.56 -15.45
N PHE A 60 -37.49 -3.42 -14.97
CA PHE A 60 -37.39 -3.08 -13.56
C PHE A 60 -38.66 -2.37 -13.13
N THR A 61 -38.82 -2.25 -11.80
CA THR A 61 -39.99 -1.61 -11.23
C THR A 61 -39.77 -0.14 -10.91
N ASN A 62 -38.56 0.23 -10.50
CA ASN A 62 -38.25 1.61 -10.18
C ASN A 62 -36.77 1.86 -10.44
N VAL A 63 -36.45 2.94 -11.14
CA VAL A 63 -35.08 3.39 -11.32
C VAL A 63 -34.90 4.68 -10.54
N TYR A 64 -33.73 4.85 -9.94
CA TYR A 64 -33.44 6.04 -9.14
C TYR A 64 -32.18 6.69 -9.66
N ALA A 65 -32.28 7.94 -10.10
CA ALA A 65 -31.14 8.70 -10.60
C ALA A 65 -30.73 9.70 -9.53
N ASP A 66 -29.56 9.48 -8.93
CA ASP A 66 -29.01 10.36 -7.91
C ASP A 66 -27.91 11.21 -8.53
N SER A 67 -28.12 12.53 -8.54
CA SER A 67 -27.20 13.46 -9.18
C SER A 67 -26.50 14.32 -8.12
N PHE A 68 -25.21 14.58 -8.35
CA PHE A 68 -24.43 15.46 -7.47
C PHE A 68 -23.14 15.86 -8.15
N VAL A 69 -22.57 16.99 -7.71
CA VAL A 69 -21.34 17.54 -8.26
C VAL A 69 -20.21 17.36 -7.25
N ILE A 70 -19.13 16.73 -7.68
CA ILE A 70 -17.98 16.38 -6.86
C ILE A 70 -16.74 16.97 -7.52
N ARG A 71 -15.57 16.69 -6.95
CA ARG A 71 -14.30 16.97 -7.60
C ARG A 71 -13.69 15.67 -8.12
N GLY A 72 -12.82 15.82 -9.12
CA GLY A 72 -12.27 14.69 -9.85
C GLY A 72 -11.66 13.60 -9.00
N ASP A 73 -10.67 13.95 -8.18
CA ASP A 73 -9.94 12.97 -7.37
C ASP A 73 -10.81 12.38 -6.26
N GLU A 74 -12.11 12.62 -6.33
CA GLU A 74 -13.05 12.04 -5.39
C GLU A 74 -14.11 11.19 -6.07
N VAL A 75 -14.19 11.22 -7.40
CA VAL A 75 -15.14 10.39 -8.14
C VAL A 75 -14.96 8.92 -7.82
N ARG A 76 -13.72 8.50 -7.52
CA ARG A 76 -13.45 7.12 -7.15
C ARG A 76 -14.22 6.67 -5.91
N GLN A 77 -14.61 7.61 -5.04
CA GLN A 77 -15.37 7.24 -3.85
C GLN A 77 -16.84 6.98 -4.14
N ILE A 78 -17.29 7.20 -5.38
CA ILE A 78 -18.66 6.88 -5.77
C ILE A 78 -18.68 5.46 -6.32
N ALA A 79 -18.30 4.49 -5.49
CA ALA A 79 -18.19 3.10 -5.91
C ALA A 79 -18.27 2.21 -4.68
N PRO A 80 -18.67 0.95 -4.85
CA PRO A 80 -18.81 0.07 -3.68
C PRO A 80 -17.49 -0.13 -2.94
N GLY A 81 -17.58 -0.16 -1.61
CA GLY A 81 -16.42 -0.45 -0.77
C GLY A 81 -15.29 0.54 -0.86
N GLN A 82 -15.59 1.82 -1.07
CA GLN A 82 -14.58 2.87 -1.09
C GLN A 82 -14.82 3.80 0.10
N THR A 83 -13.74 4.37 0.62
CA THR A 83 -13.82 5.21 1.79
C THR A 83 -12.94 6.45 1.64
N GLY A 84 -13.45 7.58 2.11
CA GLY A 84 -12.73 8.84 2.09
C GLY A 84 -13.50 9.88 2.87
N LYS A 85 -13.61 11.09 2.32
CA LYS A 85 -14.50 12.09 2.91
C LYS A 85 -15.90 11.98 2.33
N ILE A 86 -15.99 11.75 1.03
CA ILE A 86 -17.29 11.75 0.34
C ILE A 86 -18.07 10.49 0.68
N ALA A 87 -17.43 9.32 0.50
CA ALA A 87 -18.12 8.07 0.76
C ALA A 87 -18.47 7.90 2.23
N ASP A 88 -17.68 8.50 3.12
CA ASP A 88 -17.90 8.33 4.55
C ASP A 88 -18.85 9.37 5.13
N TYR A 89 -18.89 10.59 4.57
CA TYR A 89 -19.66 11.66 5.16
C TYR A 89 -20.66 12.32 4.22
N ASN A 90 -20.69 11.94 2.95
CA ASN A 90 -21.52 12.67 1.99
C ASN A 90 -22.42 11.77 1.15
N TYR A 91 -21.87 10.73 0.55
CA TYR A 91 -22.66 9.82 -0.26
C TYR A 91 -22.02 8.44 -0.25
N LYS A 92 -22.71 7.47 0.33
CA LYS A 92 -22.22 6.09 0.44
C LYS A 92 -23.07 5.17 -0.42
N LEU A 93 -22.41 4.35 -1.23
CA LEU A 93 -23.07 3.33 -2.04
C LEU A 93 -22.90 1.97 -1.38
N PRO A 94 -23.96 1.17 -1.27
CA PRO A 94 -23.83 -0.11 -0.55
C PRO A 94 -22.85 -1.04 -1.23
N ASP A 95 -22.24 -1.91 -0.42
CA ASP A 95 -21.28 -2.88 -0.96
C ASP A 95 -21.96 -3.83 -1.94
N ASP A 96 -23.23 -4.14 -1.73
CA ASP A 96 -24.01 -4.98 -2.64
C ASP A 96 -24.71 -4.15 -3.71
N PHE A 97 -23.97 -3.21 -4.30
CA PHE A 97 -24.54 -2.25 -5.24
C PHE A 97 -24.78 -2.93 -6.59
N THR A 98 -26.01 -2.84 -7.09
CA THR A 98 -26.39 -3.32 -8.41
C THR A 98 -26.95 -2.11 -9.15
N GLY A 99 -26.07 -1.34 -9.75
CA GLY A 99 -26.46 -0.13 -10.46
C GLY A 99 -25.35 0.34 -11.36
N CYS A 100 -25.32 1.65 -11.61
CA CYS A 100 -24.38 2.25 -12.54
C CYS A 100 -23.95 3.62 -12.03
N VAL A 101 -22.72 3.99 -12.33
CA VAL A 101 -22.16 5.29 -11.96
C VAL A 101 -21.61 5.94 -13.23
N ILE A 102 -22.08 7.15 -13.53
CA ILE A 102 -21.73 7.85 -14.75
C ILE A 102 -21.31 9.27 -14.39
N ALA A 103 -20.07 9.62 -14.68
CA ALA A 103 -19.49 10.90 -14.28
C ALA A 103 -18.76 11.54 -15.44
N TRP A 104 -18.93 12.86 -15.58
CA TRP A 104 -18.27 13.65 -16.62
C TRP A 104 -17.76 14.94 -15.99
N ASN A 105 -16.99 15.70 -16.77
CA ASN A 105 -16.39 16.93 -16.27
C ASN A 105 -17.29 18.12 -16.53
N SER A 106 -17.34 19.05 -15.57
CA SER A 106 -18.21 20.22 -15.65
C SER A 106 -17.47 21.49 -15.27
N ASN A 107 -16.18 21.58 -15.58
CA ASN A 107 -15.44 22.82 -15.32
C ASN A 107 -15.98 23.97 -16.15
N ASN A 108 -16.54 23.67 -17.32
CA ASN A 108 -17.08 24.71 -18.20
C ASN A 108 -18.45 25.21 -17.78
N LEU A 109 -19.13 24.52 -16.87
CA LEU A 109 -20.44 24.95 -16.39
C LEU A 109 -20.51 25.22 -14.90
N ASP A 110 -19.64 24.62 -14.09
CA ASP A 110 -19.74 24.70 -12.63
C ASP A 110 -18.47 25.27 -11.99
N SER A 111 -17.82 26.23 -12.66
CA SER A 111 -16.62 26.85 -12.15
C SER A 111 -16.65 28.34 -12.44
N LYS A 112 -16.35 29.15 -11.42
CA LYS A 112 -16.37 30.60 -11.53
C LYS A 112 -14.99 31.17 -11.24
N VAL A 113 -14.75 32.38 -11.75
CA VAL A 113 -13.44 33.02 -11.63
C VAL A 113 -13.02 33.09 -10.16
N GLY A 114 -13.87 33.66 -9.32
CA GLY A 114 -13.63 33.62 -7.90
C GLY A 114 -13.83 32.25 -7.31
N GLY A 115 -14.79 31.49 -7.85
CA GLY A 115 -15.06 30.15 -7.38
C GLY A 115 -16.54 29.89 -7.19
N ASN A 116 -17.01 28.72 -7.65
CA ASN A 116 -18.40 28.32 -7.47
C ASN A 116 -18.56 27.77 -6.05
N TYR A 117 -18.62 28.70 -5.09
CA TYR A 117 -18.79 28.34 -3.69
C TYR A 117 -20.20 27.82 -3.40
N ASN A 118 -21.08 27.82 -4.39
CA ASN A 118 -22.44 27.32 -4.19
C ASN A 118 -22.45 25.82 -3.90
N TYR A 119 -21.44 25.09 -4.38
CA TYR A 119 -21.33 23.67 -4.12
C TYR A 119 -20.62 23.43 -2.79
N LEU A 120 -21.18 22.53 -1.99
CA LEU A 120 -20.65 22.24 -0.67
C LEU A 120 -20.37 20.75 -0.51
N TYR A 121 -19.63 20.43 0.54
CA TYR A 121 -19.33 19.05 0.90
C TYR A 121 -19.09 18.98 2.39
N ARG A 122 -19.52 17.89 3.01
CA ARG A 122 -19.41 17.73 4.45
C ARG A 122 -18.04 17.18 4.82
N LEU A 123 -17.39 17.81 5.80
CA LEU A 123 -16.05 17.42 6.21
C LEU A 123 -16.05 16.62 7.50
N PHE A 124 -16.96 16.91 8.43
CA PHE A 124 -17.00 16.25 9.73
C PHE A 124 -18.34 15.56 9.91
N ARG A 125 -18.29 14.39 10.58
CA ARG A 125 -19.49 13.67 10.97
C ARG A 125 -19.09 12.62 11.99
N LYS A 126 -19.86 12.53 13.09
CA LYS A 126 -19.52 11.60 14.15
C LYS A 126 -19.60 10.15 13.69
N SER A 127 -20.57 9.84 12.83
CA SER A 127 -20.77 8.49 12.31
C SER A 127 -20.62 8.50 10.80
N ASN A 128 -20.04 7.42 10.26
CA ASN A 128 -19.96 7.25 8.83
C ASN A 128 -21.36 7.05 8.24
N LEU A 129 -21.55 7.58 7.04
CA LEU A 129 -22.88 7.59 6.44
C LEU A 129 -23.32 6.17 6.10
N LYS A 130 -24.56 5.85 6.46
CA LYS A 130 -25.17 4.59 6.05
C LYS A 130 -25.37 4.59 4.53
N PRO A 131 -25.50 3.40 3.92
CA PRO A 131 -25.70 3.37 2.47
C PRO A 131 -26.97 4.11 2.06
N PHE A 132 -26.84 4.99 1.08
CA PHE A 132 -27.92 5.82 0.58
C PHE A 132 -28.47 6.74 1.68
N GLU A 133 -27.56 7.54 2.24
CA GLU A 133 -27.93 8.51 3.27
C GLU A 133 -27.68 9.93 2.78
N ARG A 134 -28.51 10.85 3.26
CA ARG A 134 -28.42 12.27 2.94
C ARG A 134 -28.43 13.05 4.25
N ASP A 135 -27.30 13.67 4.60
CA ASP A 135 -27.20 14.50 5.79
C ASP A 135 -27.25 15.96 5.36
N ILE A 136 -28.43 16.56 5.50
CA ILE A 136 -28.61 17.98 5.21
C ILE A 136 -28.54 18.82 6.49
N SER A 137 -27.98 18.26 7.56
CA SER A 137 -27.90 18.96 8.83
C SER A 137 -26.83 20.04 8.80
N THR A 138 -27.02 21.07 9.62
CA THR A 138 -26.06 22.16 9.77
C THR A 138 -25.60 22.31 11.21
N GLU A 139 -25.83 21.29 12.04
CA GLU A 139 -25.48 21.37 13.46
C GLU A 139 -23.96 21.35 13.64
N ILE A 140 -23.48 22.11 14.62
CA ILE A 140 -22.06 22.26 14.84
C ILE A 140 -21.46 20.97 15.38
N TYR A 141 -20.23 20.66 14.94
CA TYR A 141 -19.50 19.48 15.37
C TYR A 141 -18.87 19.72 16.74
N GLN A 142 -18.50 18.63 17.40
CA GLN A 142 -17.85 18.69 18.70
C GLN A 142 -16.86 17.54 18.81
N ALA A 143 -15.60 17.88 19.10
CA ALA A 143 -14.53 16.90 19.25
C ALA A 143 -13.79 17.09 20.56
N GLY A 144 -14.54 17.29 21.64
CA GLY A 144 -13.95 17.44 22.94
C GLY A 144 -14.96 17.25 24.03
N SER A 145 -14.61 17.71 25.23
CA SER A 145 -15.46 17.64 26.40
C SER A 145 -16.21 18.95 26.66
N THR A 146 -16.09 19.92 25.76
CA THR A 146 -16.75 21.20 25.93
C THR A 146 -17.92 21.31 24.95
N PRO A 147 -19.16 21.27 25.42
CA PRO A 147 -20.30 21.42 24.50
C PRO A 147 -20.27 22.79 23.83
N CYS A 148 -20.44 22.78 22.50
CA CYS A 148 -20.35 24.02 21.73
C CYS A 148 -21.54 24.93 22.00
N ASN A 149 -22.75 24.35 22.03
CA ASN A 149 -23.99 25.11 22.22
C ASN A 149 -24.18 26.19 21.14
N GLY A 150 -23.62 25.97 19.97
CA GLY A 150 -23.78 26.89 18.87
C GLY A 150 -22.63 27.87 18.73
N VAL A 151 -21.43 27.35 18.49
CA VAL A 151 -20.25 28.17 18.36
C VAL A 151 -19.17 27.37 17.64
N GLU A 152 -18.50 28.03 16.71
CA GLU A 152 -17.41 27.45 15.94
C GLU A 152 -16.08 27.93 16.53
N GLY A 153 -15.34 27.01 17.14
CA GLY A 153 -14.06 27.38 17.74
C GLY A 153 -13.24 26.20 18.20
N PHE A 154 -12.94 26.16 19.49
CA PHE A 154 -12.08 25.13 20.05
C PHE A 154 -12.81 23.78 20.03
N ASN A 155 -12.32 22.86 19.21
CA ASN A 155 -12.90 21.52 19.07
C ASN A 155 -14.39 21.59 18.75
N CYS A 156 -14.76 22.59 17.95
CA CYS A 156 -16.17 22.83 17.60
C CYS A 156 -16.16 23.50 16.23
N TYR A 157 -16.65 22.80 15.21
CA TYR A 157 -16.53 23.26 13.84
C TYR A 157 -17.85 23.14 13.09
N PHE A 158 -18.06 24.05 12.16
CA PHE A 158 -19.20 23.96 11.25
C PHE A 158 -19.03 22.74 10.34
N PRO A 159 -20.05 21.91 10.16
CA PRO A 159 -19.83 20.63 9.47
C PRO A 159 -19.55 20.78 7.99
N LEU A 160 -20.20 21.72 7.30
CA LEU A 160 -20.11 21.83 5.85
C LEU A 160 -18.98 22.78 5.45
N GLN A 161 -18.28 22.43 4.38
CA GLN A 161 -17.28 23.29 3.75
C GLN A 161 -17.68 23.51 2.30
N SER A 162 -17.02 24.46 1.66
CA SER A 162 -17.36 24.87 0.29
C SER A 162 -16.28 24.40 -0.68
N TYR A 163 -16.70 24.02 -1.88
CA TYR A 163 -15.77 23.67 -2.95
C TYR A 163 -15.25 24.95 -3.61
N GLY A 164 -13.93 25.10 -3.64
CA GLY A 164 -13.32 26.23 -4.32
C GLY A 164 -13.13 25.96 -5.80
N PHE A 165 -14.21 25.95 -6.56
CA PHE A 165 -14.18 25.56 -7.97
C PHE A 165 -13.81 26.76 -8.82
N GLN A 166 -12.52 26.91 -9.09
CA GLN A 166 -12.00 27.93 -9.99
C GLN A 166 -11.54 27.28 -11.30
N PRO A 167 -11.65 28.01 -12.43
CA PRO A 167 -11.37 27.36 -13.73
C PRO A 167 -9.92 26.93 -13.90
N THR A 168 -8.97 27.65 -13.29
CA THR A 168 -7.56 27.32 -13.44
C THR A 168 -7.13 26.13 -12.60
N ASN A 169 -8.00 25.62 -11.73
CA ASN A 169 -7.63 24.51 -10.87
C ASN A 169 -7.31 23.27 -11.70
N GLY A 170 -6.56 22.36 -11.09
CA GLY A 170 -6.18 21.14 -11.76
C GLY A 170 -7.37 20.25 -12.06
N VAL A 171 -7.13 19.24 -12.90
CA VAL A 171 -8.19 18.33 -13.31
C VAL A 171 -8.72 17.53 -12.13
N GLY A 172 -7.90 17.35 -11.08
CA GLY A 172 -8.39 16.69 -9.88
C GLY A 172 -9.39 17.52 -9.11
N TYR A 173 -9.23 18.85 -9.15
CA TYR A 173 -10.11 19.75 -8.43
C TYR A 173 -11.11 20.44 -9.36
N GLN A 174 -11.22 19.97 -10.59
CA GLN A 174 -12.22 20.47 -11.51
C GLN A 174 -13.56 19.80 -11.23
N PRO A 175 -14.67 20.54 -11.30
CA PRO A 175 -15.97 19.96 -10.94
C PRO A 175 -16.40 18.87 -11.92
N TYR A 176 -16.80 17.72 -11.38
CA TYR A 176 -17.31 16.61 -12.15
C TYR A 176 -18.74 16.32 -11.71
N ARG A 177 -19.64 16.17 -12.68
CA ARG A 177 -21.03 15.82 -12.39
C ARG A 177 -21.18 14.31 -12.44
N VAL A 178 -21.86 13.75 -11.43
CA VAL A 178 -22.03 12.32 -11.28
C VAL A 178 -23.51 12.00 -11.15
N VAL A 179 -23.95 10.97 -11.88
CA VAL A 179 -25.30 10.43 -11.82
C VAL A 179 -25.19 8.94 -11.54
N VAL A 180 -25.88 8.49 -10.50
CA VAL A 180 -25.89 7.09 -10.09
C VAL A 180 -27.28 6.54 -10.39
N LEU A 181 -27.34 5.53 -11.25
CA LEU A 181 -28.59 4.89 -11.64
C LEU A 181 -28.73 3.60 -10.83
N SER A 182 -29.67 3.59 -9.90
CA SER A 182 -30.00 2.42 -9.11
C SER A 182 -31.26 1.76 -9.66
N PHE A 183 -31.30 0.44 -9.59
CA PHE A 183 -32.39 -0.35 -10.16
C PHE A 183 -33.06 -1.16 -9.07
N GLU A 184 -34.39 -1.27 -9.14
CA GLU A 184 -35.15 -1.95 -8.11
C GLU A 184 -36.10 -2.97 -8.72
N LEU A 185 -36.18 -4.15 -8.09
CA LEU A 185 -37.22 -5.13 -8.36
C LEU A 185 -37.98 -5.41 -7.07
N LEU A 186 -39.25 -5.01 -7.03
CA LEU A 186 -40.17 -5.48 -6.00
C LEU A 186 -41.39 -6.10 -6.67
N HIS A 187 -42.23 -6.71 -5.84
CA HIS A 187 -43.45 -7.38 -6.30
C HIS A 187 -44.51 -6.33 -6.64
N ALA A 188 -44.29 -5.64 -7.74
CA ALA A 188 -45.17 -4.57 -8.18
C ALA A 188 -45.14 -4.50 -9.70
N PRO A 189 -46.14 -3.87 -10.33
CA PRO A 189 -46.13 -3.73 -11.79
C PRO A 189 -44.84 -3.14 -12.33
N ALA A 190 -44.08 -3.92 -13.08
CA ALA A 190 -42.83 -3.46 -13.66
C ALA A 190 -43.09 -2.28 -14.59
N THR A 191 -42.57 -1.11 -14.21
CA THR A 191 -42.84 0.13 -14.93
C THR A 191 -41.71 0.52 -15.89
N VAL A 192 -40.46 0.49 -15.43
CA VAL A 192 -39.33 0.87 -16.27
C VAL A 192 -38.93 -0.39 -17.05
N CYS A 193 -39.47 -0.50 -18.26
CA CYS A 193 -39.12 -1.57 -19.18
C CYS A 193 -38.46 -0.98 -20.41
N GLY A 194 -37.34 -1.56 -20.83
CA GLY A 194 -36.57 -1.04 -21.94
C GLY A 194 -37.31 -1.13 -23.26
N PRO A 195 -36.61 -0.82 -24.36
CA PRO A 195 -37.25 -0.89 -25.69
C PRO A 195 -37.89 -2.23 -25.98
N LYS A 196 -37.31 -3.33 -25.51
CA LYS A 196 -37.87 -4.65 -25.71
C LYS A 196 -38.77 -5.05 -24.54
N GLN B 1 -13.54 1.58 6.16
CA GLN B 1 -12.32 1.41 5.38
C GLN B 1 -12.01 -0.06 5.15
N VAL B 2 -12.06 -0.49 3.89
CA VAL B 2 -11.72 -1.87 3.57
C VAL B 2 -10.26 -2.12 3.92
N GLN B 3 -10.03 -3.06 4.83
CA GLN B 3 -8.68 -3.34 5.33
C GLN B 3 -8.48 -4.84 5.36
N LEU B 4 -7.47 -5.32 4.65
CA LEU B 4 -7.13 -6.74 4.61
C LEU B 4 -5.90 -6.97 5.47
N GLN B 5 -5.97 -7.97 6.35
CA GLN B 5 -4.86 -8.31 7.23
C GLN B 5 -4.58 -9.79 7.11
N GLU B 6 -3.38 -10.13 6.64
CA GLU B 6 -2.98 -11.52 6.48
C GLU B 6 -2.41 -12.07 7.78
N SER B 7 -2.91 -13.21 8.21
CA SER B 7 -2.48 -13.83 9.46
C SER B 7 -2.34 -15.32 9.26
N GLY B 8 -1.24 -15.88 9.76
CA GLY B 8 -0.98 -17.29 9.65
C GLY B 8 0.36 -17.68 10.21
N PRO B 9 0.79 -18.92 9.93
CA PRO B 9 2.07 -19.40 10.47
C PRO B 9 3.24 -18.73 9.76
N GLY B 10 4.43 -18.98 10.32
CA GLY B 10 5.66 -18.52 9.72
C GLY B 10 6.51 -19.70 9.33
N LEU B 11 6.60 -20.68 10.22
CA LEU B 11 7.33 -21.92 9.97
C LEU B 11 6.34 -23.05 9.69
N VAL B 12 6.46 -23.66 8.52
CA VAL B 12 5.64 -24.80 8.13
C VAL B 12 6.58 -25.89 7.63
N LYS B 13 6.50 -27.07 8.25
CA LYS B 13 7.42 -28.14 7.93
C LYS B 13 7.26 -28.56 6.46
N PRO B 14 8.33 -28.99 5.80
CA PRO B 14 8.23 -29.32 4.38
C PRO B 14 7.25 -30.46 4.13
N SER B 15 6.60 -30.39 2.96
CA SER B 15 5.60 -31.39 2.55
C SER B 15 4.44 -31.46 3.55
N GLU B 16 3.96 -30.29 3.98
CA GLU B 16 2.77 -30.22 4.83
C GLU B 16 1.72 -29.36 4.14
N THR B 17 0.84 -28.71 4.92
CA THR B 17 -0.20 -27.86 4.35
C THR B 17 -0.12 -26.47 4.98
N LEU B 18 -0.54 -25.48 4.19
CA LEU B 18 -0.33 -24.06 4.49
C LEU B 18 -1.69 -23.38 4.70
N SER B 19 -2.07 -23.17 5.95
CA SER B 19 -3.36 -22.58 6.29
C SER B 19 -3.16 -21.08 6.56
N LEU B 20 -3.51 -20.26 5.59
CA LEU B 20 -3.41 -18.81 5.68
C LEU B 20 -4.79 -18.17 5.65
N THR B 21 -4.97 -17.13 6.45
CA THR B 21 -6.24 -16.43 6.58
C THR B 21 -6.04 -14.95 6.31
N CYS B 22 -7.01 -14.34 5.63
CA CYS B 22 -7.00 -12.90 5.32
C CYS B 22 -8.26 -12.29 5.92
N THR B 23 -8.12 -11.62 7.06
CA THR B 23 -9.26 -11.00 7.73
C THR B 23 -9.64 -9.71 7.03
N VAL B 24 -10.92 -9.58 6.67
CA VAL B 24 -11.42 -8.42 5.94
C VAL B 24 -12.16 -7.52 6.93
N SER B 25 -11.81 -6.24 6.95
CA SER B 25 -12.42 -5.26 7.83
C SER B 25 -13.05 -4.15 6.99
N GLY B 26 -14.21 -3.66 7.45
CA GLY B 26 -14.90 -2.62 6.72
C GLY B 26 -15.39 -3.00 5.34
N GLY B 27 -15.59 -4.29 5.09
CA GLY B 27 -16.10 -4.74 3.81
C GLY B 27 -16.83 -6.04 3.93
N SER B 28 -17.54 -6.41 2.87
CA SER B 28 -18.32 -7.63 2.80
C SER B 28 -17.67 -8.57 1.80
N VAL B 29 -17.22 -9.73 2.27
CA VAL B 29 -16.63 -10.71 1.38
C VAL B 29 -17.69 -11.34 0.47
N SER B 30 -18.94 -11.35 0.91
CA SER B 30 -20.04 -11.91 0.14
C SER B 30 -20.55 -10.97 -0.95
N SER B 31 -19.86 -9.85 -1.19
CA SER B 31 -20.28 -8.94 -2.24
C SER B 31 -19.92 -9.49 -3.61
N HIS B 32 -20.81 -9.28 -4.58
CA HIS B 32 -20.55 -9.70 -5.95
C HIS B 32 -19.65 -8.73 -6.70
N ASN B 33 -19.37 -7.56 -6.11
CA ASN B 33 -18.50 -6.56 -6.72
C ASN B 33 -17.06 -6.65 -6.22
N PHE B 34 -16.77 -7.57 -5.31
CA PHE B 34 -15.43 -7.74 -4.75
C PHE B 34 -14.90 -9.10 -5.14
N HIS B 35 -13.73 -9.12 -5.78
CA HIS B 35 -12.99 -10.35 -6.04
C HIS B 35 -11.72 -10.33 -5.20
N TRP B 36 -11.51 -11.40 -4.43
CA TRP B 36 -10.40 -11.48 -3.49
C TRP B 36 -9.38 -12.46 -4.04
N SER B 37 -8.15 -11.99 -4.21
CA SER B 37 -7.07 -12.80 -4.77
C SER B 37 -5.93 -12.93 -3.77
N TRP B 38 -5.13 -13.97 -3.97
CA TRP B 38 -3.94 -14.22 -3.17
C TRP B 38 -2.72 -14.16 -4.09
N ILE B 39 -1.75 -13.32 -3.72
CA ILE B 39 -0.54 -13.11 -4.53
C ILE B 39 0.66 -13.26 -3.61
N ARG B 40 1.59 -14.15 -4.00
CA ARG B 40 2.78 -14.42 -3.22
C ARG B 40 4.00 -13.81 -3.90
N GLN B 41 5.03 -13.52 -3.10
CA GLN B 41 6.30 -13.00 -3.59
C GLN B 41 7.46 -13.70 -2.89
N PRO B 42 8.16 -14.59 -3.58
CA PRO B 42 9.38 -15.18 -3.00
C PRO B 42 10.38 -14.08 -2.65
N PRO B 43 11.12 -14.25 -1.56
CA PRO B 43 12.09 -13.22 -1.15
C PRO B 43 13.10 -12.92 -2.25
N GLY B 44 13.12 -11.67 -2.68
CA GLY B 44 14.02 -11.24 -3.74
C GLY B 44 13.56 -11.56 -5.14
N LYS B 45 12.29 -11.91 -5.33
CA LYS B 45 11.79 -12.28 -6.65
C LYS B 45 10.53 -11.51 -7.01
N GLY B 46 9.90 -11.86 -8.13
CA GLY B 46 8.72 -11.19 -8.60
C GLY B 46 7.46 -11.65 -7.88
N LEU B 47 6.31 -11.36 -8.50
CA LEU B 47 5.01 -11.68 -7.95
C LEU B 47 4.35 -12.80 -8.74
N GLU B 48 3.56 -13.61 -8.04
CA GLU B 48 2.85 -14.74 -8.63
C GLU B 48 1.45 -14.78 -8.07
N LEU B 49 0.46 -14.94 -8.96
CA LEU B 49 -0.94 -14.97 -8.56
C LEU B 49 -1.32 -16.43 -8.28
N ILE B 50 -1.81 -16.69 -7.07
CA ILE B 50 -2.19 -18.05 -6.69
C ILE B 50 -3.59 -18.38 -7.19
N GLY B 51 -4.53 -17.46 -6.97
CA GLY B 51 -5.89 -17.66 -7.44
C GLY B 51 -6.79 -16.56 -6.94
N GLU B 52 -8.08 -16.73 -7.18
CA GLU B 52 -9.07 -15.78 -6.72
C GLU B 52 -10.29 -16.52 -6.20
N ILE B 53 -11.03 -15.85 -5.32
CA ILE B 53 -12.31 -16.33 -4.82
C ILE B 53 -13.30 -15.16 -4.89
N TYR B 54 -14.44 -15.39 -5.52
CA TYR B 54 -15.44 -14.34 -5.64
C TYR B 54 -16.83 -14.95 -5.69
N TYR B 55 -17.75 -14.34 -4.97
CA TYR B 55 -19.13 -14.81 -4.92
C TYR B 55 -19.88 -14.39 -6.18
N SER B 56 -21.02 -15.03 -6.39
CA SER B 56 -21.86 -14.81 -7.57
C SER B 56 -21.08 -15.03 -8.86
N LYS B 66 -22.38 -22.85 -4.51
CA LYS B 66 -22.11 -22.09 -3.29
C LYS B 66 -21.90 -20.62 -3.63
N SER B 67 -22.06 -20.29 -4.91
CA SER B 67 -21.77 -18.98 -5.47
C SER B 67 -20.26 -18.69 -5.45
N ARG B 68 -19.50 -19.48 -4.70
CA ARG B 68 -18.04 -19.36 -4.66
C ARG B 68 -17.49 -20.06 -5.88
N THR B 69 -17.18 -19.28 -6.92
CA THR B 69 -16.59 -19.82 -8.15
C THR B 69 -15.07 -19.59 -8.06
N THR B 70 -14.36 -20.60 -7.56
CA THR B 70 -12.92 -20.51 -7.42
C THR B 70 -12.27 -20.45 -8.79
N ASN B 71 -11.21 -19.64 -8.92
CA ASN B 71 -10.43 -19.53 -10.15
C ASN B 71 -8.95 -19.45 -9.75
N TYR B 72 -8.35 -20.62 -9.52
CA TYR B 72 -6.95 -20.69 -9.14
C TYR B 72 -6.04 -20.53 -10.35
N ASN B 73 -4.74 -20.45 -10.08
CA ASN B 73 -3.74 -20.45 -11.14
C ASN B 73 -3.50 -21.88 -11.61
N PRO B 74 -3.47 -22.13 -12.92
CA PRO B 74 -3.16 -23.48 -13.40
C PRO B 74 -1.85 -24.03 -12.87
N SER B 75 -0.89 -23.17 -12.53
CA SER B 75 0.42 -23.65 -12.10
C SER B 75 0.35 -24.33 -10.73
N LEU B 76 -0.50 -23.83 -9.84
CA LEU B 76 -0.59 -24.35 -8.48
C LEU B 76 -1.92 -25.06 -8.22
N LYS B 77 -2.63 -25.47 -9.28
CA LYS B 77 -3.99 -25.97 -9.13
C LYS B 77 -4.05 -27.28 -8.33
N SER B 78 -3.00 -28.10 -8.40
CA SER B 78 -3.08 -29.43 -7.80
C SER B 78 -3.29 -29.38 -6.30
N ARG B 79 -2.78 -28.36 -5.64
CA ARG B 79 -2.73 -28.33 -4.19
C ARG B 79 -3.42 -27.14 -3.57
N VAL B 80 -3.82 -26.14 -4.36
CA VAL B 80 -4.42 -24.93 -3.82
C VAL B 80 -5.89 -25.18 -3.51
N THR B 81 -6.37 -24.59 -2.42
CA THR B 81 -7.78 -24.66 -2.05
C THR B 81 -8.13 -23.36 -1.32
N MET B 82 -9.06 -22.60 -1.89
CA MET B 82 -9.46 -21.31 -1.35
C MET B 82 -10.90 -21.37 -0.88
N SER B 83 -11.18 -20.69 0.24
CA SER B 83 -12.50 -20.70 0.84
C SER B 83 -12.78 -19.32 1.43
N VAL B 84 -13.99 -19.14 1.93
CA VAL B 84 -14.43 -17.88 2.51
C VAL B 84 -15.35 -18.18 3.68
N ASP B 85 -15.09 -17.56 4.83
CA ASP B 85 -15.95 -17.67 6.00
C ASP B 85 -16.62 -16.31 6.22
N THR B 86 -17.92 -16.25 5.96
CA THR B 86 -18.65 -15.00 6.13
C THR B 86 -18.89 -14.65 7.59
N SER B 87 -18.83 -15.64 8.48
CA SER B 87 -19.05 -15.37 9.90
C SER B 87 -17.93 -14.51 10.48
N LYS B 88 -16.69 -14.71 10.01
CA LYS B 88 -15.55 -13.94 10.47
C LYS B 88 -14.96 -13.04 9.40
N ASN B 89 -15.57 -12.99 8.21
CA ASN B 89 -15.10 -12.17 7.09
C ASN B 89 -13.62 -12.45 6.81
N GLN B 90 -13.33 -13.71 6.52
CA GLN B 90 -11.96 -14.19 6.41
C GLN B 90 -11.82 -15.06 5.17
N VAL B 91 -10.90 -14.69 4.29
CA VAL B 91 -10.60 -15.47 3.09
C VAL B 91 -9.42 -16.38 3.42
N SER B 92 -9.60 -17.68 3.16
CA SER B 92 -8.62 -18.69 3.55
C SER B 92 -7.95 -19.29 2.32
N LEU B 93 -6.67 -19.60 2.46
CA LEU B 93 -5.88 -20.22 1.41
C LEU B 93 -5.15 -21.43 1.98
N LYS B 94 -5.17 -22.55 1.24
CA LYS B 94 -4.50 -23.76 1.65
C LYS B 94 -3.65 -24.30 0.52
N LEU B 95 -2.37 -24.56 0.80
CA LEU B 95 -1.41 -25.04 -0.17
C LEU B 95 -0.73 -26.28 0.39
N GLY B 96 -0.75 -27.38 -0.36
CA GLY B 96 -0.27 -28.66 0.11
C GLY B 96 1.07 -29.03 -0.50
N SER B 97 1.67 -30.09 0.07
CA SER B 97 2.98 -30.60 -0.33
C SER B 97 3.99 -29.46 -0.47
N VAL B 98 4.07 -28.65 0.57
CA VAL B 98 4.82 -27.39 0.51
C VAL B 98 6.30 -27.68 0.43
N THR B 99 6.94 -27.21 -0.64
CA THR B 99 8.39 -27.29 -0.79
C THR B 99 9.03 -26.00 -0.29
N ALA B 100 10.36 -25.93 -0.39
CA ALA B 100 11.07 -24.72 -0.02
C ALA B 100 10.96 -23.62 -1.07
N ALA B 101 10.37 -23.92 -2.23
CA ALA B 101 10.15 -22.92 -3.26
C ALA B 101 8.95 -22.03 -2.97
N ASP B 102 8.07 -22.44 -2.05
CA ASP B 102 6.94 -21.63 -1.65
C ASP B 102 7.26 -20.69 -0.50
N THR B 103 8.51 -20.71 -0.01
CA THR B 103 8.97 -19.70 0.93
C THR B 103 8.76 -18.32 0.33
N ALA B 104 7.83 -17.54 0.88
CA ALA B 104 7.46 -16.27 0.26
C ALA B 104 6.67 -15.45 1.26
N VAL B 105 6.39 -14.21 0.86
CA VAL B 105 5.46 -13.34 1.56
C VAL B 105 4.13 -13.39 0.81
N TYR B 106 3.08 -13.83 1.48
CA TYR B 106 1.78 -14.02 0.87
C TYR B 106 0.90 -12.80 1.12
N TYR B 107 0.33 -12.25 0.05
CA TYR B 107 -0.48 -11.04 0.13
C TYR B 107 -1.93 -11.34 -0.23
N CYS B 108 -2.83 -10.53 0.32
CA CYS B 108 -4.26 -10.63 0.08
C CYS B 108 -4.74 -9.30 -0.49
N ALA B 109 -5.41 -9.35 -1.64
CA ALA B 109 -5.81 -8.15 -2.38
C ALA B 109 -7.28 -8.24 -2.77
N ARG B 110 -7.80 -7.12 -3.27
CA ARG B 110 -9.18 -6.99 -3.68
C ARG B 110 -9.26 -6.32 -5.04
N GLU B 111 -10.23 -6.74 -5.85
CA GLU B 111 -10.49 -6.14 -7.16
C GLU B 111 -11.97 -5.82 -7.25
N LEU B 112 -12.30 -4.54 -7.36
CA LEU B 112 -13.68 -4.10 -7.55
C LEU B 112 -14.04 -4.29 -9.01
N TYR B 113 -14.70 -5.40 -9.32
CA TYR B 113 -15.04 -5.74 -10.70
C TYR B 113 -16.28 -4.97 -11.12
N TYR B 114 -16.34 -4.62 -12.41
CA TYR B 114 -17.47 -3.88 -12.94
C TYR B 114 -17.65 -4.25 -14.40
N TYR B 115 -18.59 -3.57 -15.07
CA TYR B 115 -18.86 -3.75 -16.49
C TYR B 115 -18.69 -2.41 -17.18
N ASP B 116 -17.82 -2.38 -18.19
CA ASP B 116 -17.57 -1.14 -18.90
C ASP B 116 -18.72 -0.82 -19.86
N ARG B 117 -18.60 0.30 -20.56
CA ARG B 117 -19.68 0.75 -21.45
C ARG B 117 -19.94 -0.23 -22.58
N SER B 118 -18.94 -1.01 -22.97
CA SER B 118 -19.07 -1.97 -24.06
C SER B 118 -19.49 -3.36 -23.59
N GLY B 119 -19.73 -3.55 -22.30
CA GLY B 119 -20.12 -4.84 -21.77
C GLY B 119 -18.97 -5.78 -21.54
N TYR B 120 -18.01 -5.35 -20.72
CA TYR B 120 -16.81 -6.13 -20.42
C TYR B 120 -16.65 -6.23 -18.92
N TYR B 121 -16.55 -7.46 -18.41
CA TYR B 121 -16.25 -7.68 -16.99
C TYR B 121 -14.78 -7.42 -16.76
N VAL B 122 -14.47 -6.24 -16.24
CA VAL B 122 -13.09 -5.77 -16.08
C VAL B 122 -12.87 -5.34 -14.64
N HIS B 123 -11.62 -5.00 -14.34
CA HIS B 123 -11.25 -4.52 -13.02
C HIS B 123 -10.14 -3.48 -13.15
N ASP B 124 -10.16 -2.48 -12.26
CA ASP B 124 -9.18 -1.41 -12.27
C ASP B 124 -7.86 -1.80 -11.63
N GLY B 125 -7.59 -3.09 -11.47
CA GLY B 125 -6.38 -3.54 -10.81
C GLY B 125 -6.64 -3.94 -9.37
N PHE B 126 -5.55 -4.28 -8.69
CA PHE B 126 -5.59 -4.69 -7.29
C PHE B 126 -5.65 -3.42 -6.43
N ASP B 127 -6.86 -3.01 -6.08
CA ASP B 127 -7.07 -1.77 -5.33
C ASP B 127 -6.44 -1.84 -3.95
N ILE B 128 -7.00 -2.65 -3.06
CA ILE B 128 -6.57 -2.76 -1.68
C ILE B 128 -5.63 -3.94 -1.54
N TRP B 129 -4.54 -3.75 -0.80
CA TRP B 129 -3.57 -4.80 -0.52
C TRP B 129 -3.45 -5.00 0.98
N GLY B 130 -2.89 -6.14 1.36
CA GLY B 130 -2.67 -6.46 2.75
C GLY B 130 -1.23 -6.28 3.15
N PRO B 131 -0.94 -6.45 4.45
CA PRO B 131 0.45 -6.27 4.90
C PRO B 131 1.36 -7.40 4.42
N GLY B 132 0.87 -8.63 4.38
CA GLY B 132 1.68 -9.75 3.94
C GLY B 132 2.20 -10.59 5.08
N THR B 133 2.05 -11.90 4.97
CA THR B 133 2.54 -12.84 5.97
C THR B 133 3.75 -13.59 5.41
N THR B 134 4.85 -13.56 6.16
CA THR B 134 6.10 -14.17 5.73
C THR B 134 6.10 -15.64 6.15
N VAL B 135 6.06 -16.53 5.16
CA VAL B 135 6.06 -17.97 5.39
C VAL B 135 7.43 -18.51 4.99
N THR B 136 8.14 -19.08 5.94
CA THR B 136 9.43 -19.72 5.70
C THR B 136 9.26 -21.22 5.91
N VAL B 137 9.42 -21.99 4.83
CA VAL B 137 9.20 -23.43 4.84
C VAL B 137 10.53 -24.10 5.20
N SER B 138 10.63 -24.58 6.43
CA SER B 138 11.83 -25.25 6.90
C SER B 138 11.49 -26.11 8.09
N SER B 139 12.28 -27.18 8.29
CA SER B 139 12.07 -28.08 9.41
C SER B 139 12.70 -27.58 10.70
N ALA B 140 13.55 -26.55 10.63
CA ALA B 140 14.20 -26.04 11.84
C ALA B 140 13.16 -25.49 12.80
N SER B 141 13.35 -25.79 14.08
CA SER B 141 12.42 -25.32 15.11
C SER B 141 12.55 -23.82 15.30
N THR B 142 11.45 -23.21 15.75
CA THR B 142 11.42 -21.77 15.95
C THR B 142 12.31 -21.37 17.13
N LYS B 143 12.74 -20.11 17.12
CA LYS B 143 13.66 -19.59 18.13
C LYS B 143 13.37 -18.12 18.35
N GLY B 144 13.09 -17.75 19.59
CA GLY B 144 12.83 -16.37 19.93
C GLY B 144 14.09 -15.53 20.00
N PRO B 145 13.99 -14.27 19.65
CA PRO B 145 15.17 -13.40 19.60
C PRO B 145 15.59 -12.91 20.98
N SER B 146 16.84 -12.47 21.04
CA SER B 146 17.40 -11.83 22.23
C SER B 146 17.75 -10.39 21.86
N VAL B 147 17.17 -9.43 22.58
CA VAL B 147 17.33 -8.02 22.28
C VAL B 147 18.33 -7.41 23.25
N PHE B 148 19.35 -6.75 22.71
CA PHE B 148 20.41 -6.13 23.48
C PHE B 148 20.55 -4.66 23.09
N PRO B 149 20.91 -3.79 24.03
CA PRO B 149 20.95 -2.36 23.73
C PRO B 149 22.29 -1.88 23.19
N LEU B 150 22.25 -1.11 22.11
CA LEU B 150 23.43 -0.42 21.58
C LEU B 150 23.43 0.99 22.15
N ALA B 151 24.16 1.18 23.24
CA ALA B 151 24.09 2.43 23.98
C ALA B 151 24.94 3.51 23.32
N PRO B 152 24.51 4.77 23.38
CA PRO B 152 25.34 5.86 22.86
C PRO B 152 26.55 6.09 23.75
N SER B 153 27.65 6.48 23.10
CA SER B 153 28.91 6.71 23.81
C SER B 153 28.78 7.85 24.81
N GLY B 160 26.49 17.03 19.36
CA GLY B 160 26.01 16.79 18.02
C GLY B 160 24.90 15.77 17.94
N THR B 161 24.87 15.02 16.84
CA THR B 161 23.87 13.97 16.62
C THR B 161 24.47 12.63 17.05
N ALA B 162 24.08 12.16 18.22
CA ALA B 162 24.53 10.86 18.71
C ALA B 162 23.67 9.75 18.12
N ALA B 163 24.12 8.51 18.28
CA ALA B 163 23.46 7.35 17.71
C ALA B 163 23.26 6.28 18.79
N LEU B 164 22.11 5.61 18.72
CA LEU B 164 21.81 4.49 19.59
C LEU B 164 20.95 3.51 18.82
N GLY B 165 20.74 2.33 19.38
CA GLY B 165 19.96 1.32 18.70
C GLY B 165 19.79 0.08 19.55
N CYS B 166 19.35 -0.99 18.88
CA CYS B 166 19.07 -2.25 19.53
C CYS B 166 19.48 -3.39 18.61
N LEU B 167 20.06 -4.43 19.19
CA LEU B 167 20.56 -5.59 18.44
C LEU B 167 19.64 -6.78 18.71
N VAL B 168 18.96 -7.24 17.67
CA VAL B 168 18.08 -8.39 17.75
C VAL B 168 18.85 -9.59 17.20
N LYS B 169 19.21 -10.52 18.08
CA LYS B 169 20.13 -11.60 17.76
C LYS B 169 19.48 -12.97 17.96
N ASP B 170 19.91 -13.93 17.16
CA ASP B 170 19.52 -15.34 17.28
C ASP B 170 18.01 -15.51 17.23
N TYR B 171 17.43 -15.47 16.04
CA TYR B 171 15.99 -15.63 15.87
C TYR B 171 15.70 -16.35 14.56
N PHE B 172 14.62 -17.15 14.59
CA PHE B 172 14.19 -17.95 13.45
C PHE B 172 12.71 -18.27 13.63
N PRO B 173 11.90 -18.15 12.57
CA PRO B 173 12.32 -17.67 11.26
C PRO B 173 12.25 -16.15 11.16
N GLU B 174 12.13 -15.65 9.95
CA GLU B 174 11.92 -14.22 9.75
C GLU B 174 10.42 -13.94 9.65
N PRO B 175 9.99 -12.68 9.88
CA PRO B 175 10.79 -11.50 10.23
C PRO B 175 10.66 -11.08 11.69
N VAL B 176 11.34 -9.99 12.04
CA VAL B 176 11.15 -9.29 13.30
C VAL B 176 10.76 -7.85 12.98
N THR B 177 9.76 -7.34 13.69
CA THR B 177 9.30 -5.97 13.51
C THR B 177 9.81 -5.12 14.66
N VAL B 178 10.49 -4.03 14.34
CA VAL B 178 11.10 -3.16 15.33
C VAL B 178 10.55 -1.75 15.16
N SER B 179 9.85 -1.27 16.18
CA SER B 179 9.42 0.12 16.28
C SER B 179 10.18 0.80 17.41
N TRP B 180 10.07 2.13 17.45
CA TRP B 180 10.76 2.92 18.46
C TRP B 180 9.75 3.78 19.20
N ASN B 181 9.77 3.70 20.54
CA ASN B 181 8.88 4.46 21.41
C ASN B 181 7.42 4.19 21.07
N SER B 182 7.11 2.92 20.74
CA SER B 182 5.76 2.48 20.40
C SER B 182 5.22 3.26 19.21
N GLY B 183 6.05 3.41 18.18
CA GLY B 183 5.65 4.11 16.98
C GLY B 183 5.74 5.62 17.04
N ALA B 184 6.30 6.18 18.13
CA ALA B 184 6.41 7.62 18.25
C ALA B 184 7.69 8.17 17.64
N LEU B 185 8.75 7.37 17.59
CA LEU B 185 10.03 7.78 17.01
C LEU B 185 10.18 7.14 15.65
N THR B 186 10.23 7.97 14.61
CA THR B 186 10.34 7.50 13.24
C THR B 186 11.53 8.08 12.49
N SER B 187 11.85 9.35 12.71
CA SER B 187 12.94 9.99 11.99
C SER B 187 14.28 9.45 12.45
N GLY B 188 15.18 9.22 11.50
CA GLY B 188 16.47 8.63 11.79
C GLY B 188 16.45 7.15 12.09
N VAL B 189 15.27 6.54 12.21
CA VAL B 189 15.16 5.11 12.51
C VAL B 189 15.59 4.33 11.27
N HIS B 190 16.73 3.65 11.36
CA HIS B 190 17.23 2.79 10.30
C HIS B 190 17.20 1.34 10.81
N THR B 191 16.30 0.55 10.25
CA THR B 191 16.18 -0.88 10.58
C THR B 191 16.87 -1.67 9.48
N PHE B 192 18.10 -2.12 9.76
CA PHE B 192 18.88 -2.82 8.77
C PHE B 192 18.25 -4.19 8.45
N PRO B 193 18.44 -4.68 7.23
CA PRO B 193 17.98 -6.04 6.91
C PRO B 193 18.70 -7.07 7.77
N ALA B 194 18.08 -8.25 7.84
CA ALA B 194 18.64 -9.34 8.62
C ALA B 194 19.75 -10.05 7.87
N VAL B 195 20.77 -10.48 8.61
CA VAL B 195 21.89 -11.24 8.05
C VAL B 195 21.91 -12.62 8.70
N LEU B 196 21.92 -13.66 7.87
CA LEU B 196 21.90 -15.03 8.37
C LEU B 196 23.28 -15.39 8.91
N GLN B 197 23.38 -15.53 10.23
CA GLN B 197 24.65 -15.78 10.88
C GLN B 197 25.18 -17.16 10.54
N SER B 198 26.41 -17.44 11.00
CA SER B 198 27.02 -18.75 10.80
C SER B 198 26.38 -19.84 11.64
N SER B 199 25.47 -19.48 12.55
CA SER B 199 24.80 -20.45 13.41
C SER B 199 23.44 -20.90 12.84
N GLY B 200 23.07 -20.43 11.65
CA GLY B 200 21.77 -20.72 11.10
C GLY B 200 20.65 -19.82 11.57
N LEU B 201 20.88 -19.04 12.62
CA LEU B 201 19.88 -18.10 13.12
C LEU B 201 20.12 -16.71 12.51
N TYR B 202 19.08 -15.90 12.52
CA TYR B 202 19.14 -14.57 11.95
C TYR B 202 19.61 -13.56 12.98
N SER B 203 19.93 -12.36 12.51
CA SER B 203 20.35 -11.25 13.36
C SER B 203 20.01 -9.94 12.67
N LEU B 204 19.62 -8.95 13.46
CA LEU B 204 19.14 -7.69 12.93
C LEU B 204 19.54 -6.55 13.86
N SER B 205 19.67 -5.36 13.29
CA SER B 205 20.03 -4.17 14.05
C SER B 205 19.14 -3.01 13.61
N SER B 206 18.60 -2.28 14.58
CA SER B 206 17.75 -1.12 14.33
C SER B 206 18.27 0.05 15.16
N VAL B 207 18.76 1.08 14.48
CA VAL B 207 19.40 2.22 15.13
C VAL B 207 18.60 3.48 14.84
N VAL B 208 19.00 4.57 15.50
CA VAL B 208 18.36 5.87 15.32
C VAL B 208 19.34 6.93 15.81
N THR B 209 19.45 8.02 15.05
CA THR B 209 20.29 9.15 15.42
C THR B 209 19.43 10.23 16.05
N VAL B 210 19.74 10.56 17.30
CA VAL B 210 19.00 11.58 18.05
C VAL B 210 19.97 12.66 18.44
N PRO B 211 19.50 13.89 18.69
CA PRO B 211 20.38 14.93 19.21
C PRO B 211 20.95 14.54 20.57
N SER B 212 22.20 14.92 20.81
CA SER B 212 22.86 14.55 22.06
C SER B 212 22.14 15.12 23.27
N SER B 213 21.45 16.25 23.10
CA SER B 213 20.66 16.81 24.20
C SER B 213 19.44 15.95 24.51
N SER B 214 18.89 15.27 23.50
CA SER B 214 17.72 14.42 23.70
C SER B 214 18.02 13.17 24.51
N LEU B 215 19.29 12.95 24.89
CA LEU B 215 19.61 11.81 25.75
C LEU B 215 19.06 12.01 27.15
N GLY B 216 18.84 13.25 27.57
CA GLY B 216 18.35 13.54 28.90
C GLY B 216 16.96 14.13 28.93
N THR B 217 16.37 14.34 27.76
CA THR B 217 15.01 14.87 27.66
C THR B 217 13.98 13.83 27.22
N GLN B 218 14.41 12.74 26.59
CA GLN B 218 13.52 11.68 26.15
C GLN B 218 14.21 10.34 26.36
N THR B 219 13.47 9.39 26.93
CA THR B 219 13.96 8.03 27.08
C THR B 219 13.57 7.21 25.85
N TYR B 220 14.34 6.17 25.56
CA TYR B 220 14.21 5.44 24.31
C TYR B 220 14.05 3.95 24.60
N ILE B 221 13.12 3.32 23.88
CA ILE B 221 12.85 1.89 24.01
C ILE B 221 12.65 1.31 22.61
N CYS B 222 13.31 0.19 22.33
CA CYS B 222 13.12 -0.52 21.07
C CYS B 222 12.04 -1.57 21.27
N ASN B 223 10.98 -1.52 20.46
CA ASN B 223 9.87 -2.45 20.55
C ASN B 223 10.03 -3.49 19.46
N VAL B 224 10.53 -4.67 19.83
CA VAL B 224 10.77 -5.77 18.89
C VAL B 224 9.65 -6.79 19.05
N ASN B 225 9.10 -7.23 17.93
CA ASN B 225 8.02 -8.23 17.93
C ASN B 225 8.38 -9.32 16.93
N HIS B 226 8.59 -10.53 17.43
CA HIS B 226 8.81 -11.72 16.61
C HIS B 226 7.54 -12.56 16.69
N LYS B 227 6.70 -12.45 15.67
CA LYS B 227 5.39 -13.08 15.65
C LYS B 227 5.46 -14.61 15.56
N PRO B 228 6.34 -15.19 14.72
CA PRO B 228 6.39 -16.66 14.64
C PRO B 228 6.59 -17.35 15.99
N SER B 229 7.30 -16.73 16.92
CA SER B 229 7.55 -17.31 18.23
C SER B 229 6.78 -16.62 19.35
N ASN B 230 5.95 -15.62 19.02
CA ASN B 230 5.19 -14.86 20.01
C ASN B 230 6.10 -14.26 21.08
N THR B 231 7.14 -13.57 20.63
CA THR B 231 8.14 -12.97 21.50
C THR B 231 8.16 -11.46 21.23
N LYS B 232 7.51 -10.70 22.10
CA LYS B 232 7.47 -9.24 22.02
C LYS B 232 8.21 -8.69 23.25
N VAL B 233 9.34 -8.03 23.01
CA VAL B 233 10.20 -7.52 24.07
C VAL B 233 10.54 -6.08 23.76
N ASP B 234 10.43 -5.20 24.77
CA ASP B 234 10.81 -3.81 24.66
C ASP B 234 11.98 -3.55 25.59
N LYS B 235 13.11 -3.11 25.02
CA LYS B 235 14.33 -2.87 25.78
C LYS B 235 14.65 -1.38 25.77
N ARG B 236 15.10 -0.87 26.91
CA ARG B 236 15.41 0.54 27.08
C ARG B 236 16.89 0.78 26.76
N VAL B 237 17.15 1.63 25.76
CA VAL B 237 18.51 2.01 25.42
C VAL B 237 18.93 3.16 26.33
N GLU B 238 19.93 2.92 27.17
CA GLU B 238 20.33 3.88 28.19
C GLU B 238 21.82 4.13 28.10
N PRO B 239 22.26 5.38 28.05
CA PRO B 239 23.70 5.67 28.15
C PRO B 239 24.27 5.15 29.46
N LYS B 240 25.23 4.24 29.35
CA LYS B 240 25.81 3.57 30.51
C LYS B 240 27.24 4.05 30.74
N SER B 241 27.62 4.16 32.01
CA SER B 241 28.97 4.57 32.39
C SER B 241 29.50 3.70 33.51
N ASP C 1 0.06 -18.70 -21.09
CA ASP C 1 0.41 -17.73 -20.06
C ASP C 1 1.21 -16.58 -20.65
N ILE C 2 0.58 -15.40 -20.71
CA ILE C 2 1.26 -14.23 -21.25
C ILE C 2 2.44 -13.86 -20.38
N GLN C 3 3.62 -13.72 -20.99
CA GLN C 3 4.84 -13.41 -20.27
C GLN C 3 5.18 -11.93 -20.46
N MET C 4 5.25 -11.19 -19.36
CA MET C 4 5.56 -9.77 -19.39
C MET C 4 7.05 -9.56 -19.19
N THR C 5 7.67 -8.79 -20.08
CA THR C 5 9.10 -8.51 -20.03
C THR C 5 9.30 -7.04 -19.68
N GLN C 6 9.93 -6.78 -18.54
CA GLN C 6 10.15 -5.42 -18.06
C GLN C 6 11.56 -4.97 -18.41
N SER C 7 11.68 -3.74 -18.93
CA SER C 7 12.98 -3.19 -19.29
C SER C 7 12.99 -1.71 -18.91
N PRO C 8 14.02 -1.23 -18.18
CA PRO C 8 15.20 -1.99 -17.77
C PRO C 8 15.00 -2.77 -16.47
N SER C 9 16.10 -3.29 -15.93
CA SER C 9 16.07 -3.98 -14.64
C SER C 9 16.50 -3.09 -13.48
N THR C 10 17.27 -2.04 -13.76
CA THR C 10 17.71 -1.11 -12.73
C THR C 10 18.00 0.23 -13.39
N LEU C 11 17.42 1.30 -12.87
CA LEU C 11 17.57 2.63 -13.44
C LEU C 11 18.00 3.62 -12.38
N SER C 12 18.90 4.53 -12.76
CA SER C 12 19.42 5.55 -11.85
C SER C 12 19.29 6.91 -12.51
N ALA C 13 18.68 7.86 -11.79
CA ALA C 13 18.52 9.23 -12.26
C ALA C 13 18.65 10.17 -11.07
N SER C 14 18.51 11.47 -11.35
CA SER C 14 18.61 12.50 -10.32
C SER C 14 17.25 13.11 -10.04
N VAL C 15 17.20 13.90 -8.96
CA VAL C 15 15.96 14.53 -8.54
C VAL C 15 15.58 15.60 -9.57
N GLY C 16 14.47 15.39 -10.28
CA GLY C 16 14.03 16.29 -11.32
C GLY C 16 14.09 15.72 -12.72
N ASP C 17 14.71 14.56 -12.89
CA ASP C 17 14.83 13.94 -14.20
C ASP C 17 13.60 13.08 -14.50
N SER C 18 13.50 12.64 -15.75
CA SER C 18 12.43 11.75 -16.19
C SER C 18 12.94 10.32 -16.27
N VAL C 19 12.03 9.37 -16.10
CA VAL C 19 12.35 7.95 -16.07
C VAL C 19 11.29 7.20 -16.86
N SER C 20 11.73 6.29 -17.74
CA SER C 20 10.85 5.52 -18.59
C SER C 20 11.09 4.03 -18.37
N ILE C 21 10.03 3.31 -17.97
CA ILE C 21 10.06 1.87 -17.77
C ILE C 21 9.07 1.25 -18.75
N THR C 22 9.56 0.35 -19.61
CA THR C 22 8.76 -0.25 -20.66
C THR C 22 8.40 -1.69 -20.30
N CYS C 23 7.20 -2.09 -20.73
CA CYS C 23 6.70 -3.44 -20.52
C CYS C 23 6.30 -4.02 -21.87
N ARG C 24 6.76 -5.25 -22.14
CA ARG C 24 6.49 -5.98 -23.36
C ARG C 24 5.62 -7.19 -23.04
N ALA C 25 4.82 -7.61 -24.01
CA ALA C 25 3.88 -8.69 -23.81
C ALA C 25 4.11 -9.82 -24.82
N SER C 26 3.77 -11.04 -24.40
CA SER C 26 3.86 -12.18 -25.30
C SER C 26 2.79 -12.12 -26.37
N GLN C 27 1.55 -11.83 -25.98
CA GLN C 27 0.45 -11.62 -26.90
C GLN C 27 0.08 -10.13 -26.93
N SER C 28 -1.16 -9.83 -27.27
CA SER C 28 -1.65 -8.46 -27.39
C SER C 28 -2.63 -8.19 -26.26
N ILE C 29 -2.15 -7.55 -25.21
CA ILE C 29 -3.01 -7.12 -24.11
C ILE C 29 -3.60 -5.76 -24.48
N SER C 30 -4.89 -5.74 -24.80
CA SER C 30 -5.56 -4.52 -25.28
C SER C 30 -5.78 -3.58 -24.11
N SER C 31 -4.78 -2.74 -23.84
CA SER C 31 -4.78 -1.77 -22.75
C SER C 31 -5.00 -2.40 -21.38
N TRP C 32 -4.87 -3.72 -21.28
CA TRP C 32 -5.07 -4.44 -20.01
C TRP C 32 -3.74 -4.55 -19.28
N LEU C 33 -3.23 -3.39 -18.85
CA LEU C 33 -1.97 -3.36 -18.12
C LEU C 33 -2.06 -2.32 -17.02
N ALA C 34 -1.58 -2.69 -15.83
CA ALA C 34 -1.57 -1.83 -14.66
C ALA C 34 -0.18 -1.83 -14.05
N TRP C 35 0.12 -0.77 -13.30
CA TRP C 35 1.44 -0.60 -12.69
C TRP C 35 1.34 -0.54 -11.18
N TYR C 36 2.35 -1.09 -10.53
CA TYR C 36 2.41 -1.20 -9.07
C TYR C 36 3.77 -0.74 -8.56
N GLN C 37 3.76 0.06 -7.49
CA GLN C 37 4.95 0.55 -6.82
C GLN C 37 5.11 -0.19 -5.50
N GLN C 38 6.19 -0.97 -5.38
CA GLN C 38 6.51 -1.69 -4.16
C GLN C 38 7.74 -1.02 -3.53
N LYS C 39 7.52 -0.32 -2.42
CA LYS C 39 8.60 0.28 -1.66
C LYS C 39 9.18 -0.74 -0.70
N PRO C 40 10.45 -0.58 -0.31
CA PRO C 40 11.09 -1.56 0.59
C PRO C 40 10.31 -1.81 1.87
N GLY C 41 9.76 -3.02 2.01
CA GLY C 41 9.02 -3.41 3.19
C GLY C 41 7.52 -3.22 3.09
N THR C 42 7.01 -2.73 1.96
CA THR C 42 5.58 -2.48 1.78
C THR C 42 5.02 -3.43 0.72
N ALA C 43 3.72 -3.28 0.48
CA ALA C 43 2.98 -4.05 -0.52
C ALA C 43 2.85 -3.25 -1.82
N PRO C 44 2.76 -3.94 -2.96
CA PRO C 44 2.57 -3.24 -4.24
C PRO C 44 1.35 -2.34 -4.22
N LYS C 45 1.57 -1.04 -4.40
CA LYS C 45 0.50 -0.05 -4.44
C LYS C 45 0.24 0.31 -5.90
N LEU C 46 -1.01 0.18 -6.32
CA LEU C 46 -1.34 0.43 -7.72
C LEU C 46 -1.33 1.92 -8.01
N LEU C 47 -0.70 2.29 -9.12
CA LEU C 47 -0.57 3.69 -9.53
C LEU C 47 -1.34 4.01 -10.79
N ILE C 48 -1.23 3.17 -11.83
CA ILE C 48 -1.91 3.39 -13.10
C ILE C 48 -2.67 2.12 -13.48
N TYR C 49 -3.90 2.29 -13.98
CA TYR C 49 -4.68 1.20 -14.55
C TYR C 49 -5.23 1.66 -15.90
N LYS C 50 -5.79 0.70 -16.66
CA LYS C 50 -6.26 0.94 -18.02
C LYS C 50 -5.15 1.57 -18.86
N ALA C 51 -3.90 1.20 -18.56
CA ALA C 51 -2.70 1.71 -19.21
C ALA C 51 -2.50 3.21 -19.00
N SER C 52 -3.58 3.98 -18.93
CA SER C 52 -3.49 5.44 -18.86
C SER C 52 -4.08 6.04 -17.58
N SER C 53 -5.17 5.48 -17.08
CA SER C 53 -5.86 6.09 -15.94
C SER C 53 -5.04 5.95 -14.66
N LEU C 54 -5.06 7.00 -13.84
CA LEU C 54 -4.27 7.08 -12.62
C LEU C 54 -5.18 6.90 -11.41
N GLU C 55 -4.75 6.06 -10.47
CA GLU C 55 -5.47 5.93 -9.22
C GLU C 55 -5.33 7.18 -8.35
N SER C 56 -6.39 7.46 -7.59
CA SER C 56 -6.42 8.60 -6.70
C SER C 56 -5.29 8.51 -5.68
N GLY C 57 -4.62 9.64 -5.45
CA GLY C 57 -3.49 9.70 -4.55
C GLY C 57 -2.14 9.53 -5.22
N VAL C 58 -2.11 9.30 -6.52
CA VAL C 58 -0.86 9.10 -7.25
C VAL C 58 -0.41 10.45 -7.82
N PRO C 59 0.85 10.85 -7.64
CA PRO C 59 1.29 12.17 -8.09
C PRO C 59 1.16 12.34 -9.60
N SER C 60 1.30 13.61 -10.02
CA SER C 60 1.16 13.93 -11.44
C SER C 60 2.38 13.50 -12.25
N ARG C 61 3.55 13.42 -11.61
CA ARG C 61 4.76 12.98 -12.31
C ARG C 61 4.58 11.58 -12.89
N PHE C 62 3.81 10.73 -12.21
CA PHE C 62 3.55 9.40 -12.72
C PHE C 62 2.56 9.47 -13.88
N SER C 63 2.89 8.80 -14.98
CA SER C 63 2.02 8.75 -16.15
C SER C 63 2.30 7.46 -16.90
N GLY C 64 1.35 7.03 -17.71
CA GLY C 64 1.49 5.78 -18.42
C GLY C 64 0.72 5.79 -19.72
N ARG C 65 1.23 5.04 -20.70
CA ARG C 65 0.58 4.89 -22.00
C ARG C 65 0.93 3.52 -22.55
N GLY C 66 0.39 3.22 -23.74
CA GLY C 66 0.73 1.96 -24.40
C GLY C 66 -0.44 1.18 -24.94
N SER C 67 -0.16 0.19 -25.77
CA SER C 67 -1.21 -0.61 -26.40
C SER C 67 -0.60 -1.80 -27.11
N GLY C 68 -1.33 -2.91 -27.09
CA GLY C 68 -0.91 -4.12 -27.77
C GLY C 68 0.25 -4.82 -27.09
N THR C 69 1.45 -4.64 -27.63
CA THR C 69 2.64 -5.27 -27.10
C THR C 69 3.59 -4.31 -26.39
N GLU C 70 3.56 -3.03 -26.71
CA GLU C 70 4.46 -2.06 -26.12
C GLU C 70 3.69 -1.19 -25.14
N PHE C 71 4.18 -1.09 -23.91
CA PHE C 71 3.58 -0.24 -22.89
C PHE C 71 4.68 0.53 -22.18
N THR C 72 4.36 1.73 -21.71
CA THR C 72 5.37 2.59 -21.11
C THR C 72 4.82 3.28 -19.87
N LEU C 73 5.72 3.48 -18.91
CA LEU C 73 5.48 4.17 -17.65
C LEU C 73 6.54 5.25 -17.51
N THR C 74 6.15 6.44 -17.10
CA THR C 74 7.06 7.58 -17.10
C THR C 74 6.86 8.43 -15.85
N ILE C 75 7.96 8.70 -15.15
CA ILE C 75 7.99 9.66 -14.06
C ILE C 75 8.65 10.93 -14.58
N SER C 76 7.89 12.03 -14.59
CA SER C 76 8.37 13.27 -15.19
C SER C 76 9.50 13.88 -14.37
N SER C 77 9.27 14.11 -13.08
CA SER C 77 10.26 14.70 -12.18
C SER C 77 10.46 13.74 -11.03
N LEU C 78 11.44 12.84 -11.17
CA LEU C 78 11.71 11.84 -10.15
C LEU C 78 12.14 12.51 -8.84
N GLN C 79 11.35 12.33 -7.81
CA GLN C 79 11.64 12.83 -6.48
C GLN C 79 12.13 11.69 -5.58
N PRO C 80 12.81 12.01 -4.47
CA PRO C 80 13.45 10.93 -3.69
C PRO C 80 12.51 9.85 -3.19
N ASP C 81 11.24 10.17 -2.92
CA ASP C 81 10.33 9.17 -2.38
C ASP C 81 10.00 8.09 -3.39
N ASP C 82 10.08 8.41 -4.69
CA ASP C 82 9.74 7.45 -5.74
C ASP C 82 10.73 6.30 -5.87
N PHE C 83 11.65 6.10 -4.94
CA PHE C 83 12.56 4.95 -4.96
C PHE C 83 11.78 3.70 -4.58
N ALA C 84 11.55 2.81 -5.55
CA ALA C 84 10.82 1.57 -5.31
C ALA C 84 10.97 0.70 -6.55
N THR C 85 10.47 -0.54 -6.43
CA THR C 85 10.44 -1.46 -7.55
C THR C 85 9.06 -1.41 -8.21
N TYR C 86 9.03 -1.26 -9.52
CA TYR C 86 7.79 -1.06 -10.25
C TYR C 86 7.49 -2.29 -11.11
N TYR C 87 6.24 -2.75 -11.05
CA TYR C 87 5.81 -3.97 -11.73
C TYR C 87 4.65 -3.64 -12.66
N CYS C 88 4.59 -4.35 -13.79
CA CYS C 88 3.47 -4.27 -14.71
C CYS C 88 2.72 -5.59 -14.73
N GLN C 89 1.39 -5.51 -14.70
CA GLN C 89 0.51 -6.66 -14.62
C GLN C 89 -0.53 -6.60 -15.73
N GLN C 90 -0.76 -7.74 -16.38
CA GLN C 90 -1.78 -7.85 -17.40
C GLN C 90 -3.09 -8.36 -16.79
N TYR C 91 -4.19 -8.03 -17.45
CA TYR C 91 -5.48 -8.63 -17.13
C TYR C 91 -6.27 -8.89 -18.40
N ASN C 92 -5.61 -9.49 -19.39
CA ASN C 92 -6.27 -9.96 -20.61
C ASN C 92 -6.59 -11.44 -20.56
N THR C 93 -5.68 -12.26 -20.04
CA THR C 93 -5.87 -13.71 -19.94
C THR C 93 -5.50 -14.15 -18.53
N TYR C 94 -6.36 -14.97 -17.93
CA TYR C 94 -6.02 -15.56 -16.64
C TYR C 94 -5.00 -16.68 -16.82
N PRO C 95 -3.97 -16.75 -15.97
CA PRO C 95 -3.78 -15.91 -14.78
C PRO C 95 -3.12 -14.57 -15.07
N TRP C 96 -3.40 -13.57 -14.24
CA TRP C 96 -2.72 -12.29 -14.35
C TRP C 96 -1.24 -12.50 -14.07
N THR C 97 -0.39 -12.12 -15.02
CA THR C 97 1.05 -12.26 -14.88
C THR C 97 1.71 -10.91 -14.69
N PHE C 98 2.74 -10.88 -13.85
CA PHE C 98 3.44 -9.65 -13.51
C PHE C 98 4.76 -9.56 -14.28
N GLY C 99 5.46 -8.45 -14.09
CA GLY C 99 6.77 -8.25 -14.66
C GLY C 99 7.88 -8.59 -13.69
N GLN C 100 9.11 -8.54 -14.20
CA GLN C 100 10.27 -8.89 -13.37
C GLN C 100 10.62 -7.77 -12.40
N GLY C 101 10.40 -6.52 -12.79
CA GLY C 101 10.62 -5.39 -11.91
C GLY C 101 11.66 -4.43 -12.45
N THR C 102 11.71 -3.26 -11.81
CA THR C 102 12.67 -2.20 -12.17
C THR C 102 12.94 -1.39 -10.92
N LYS C 103 14.15 -1.48 -10.40
CA LYS C 103 14.54 -0.78 -9.17
C LYS C 103 15.05 0.61 -9.55
N VAL C 104 14.19 1.61 -9.40
CA VAL C 104 14.54 2.99 -9.73
C VAL C 104 15.20 3.62 -8.52
N GLU C 105 16.51 3.77 -8.57
CA GLU C 105 17.29 4.38 -7.50
C GLU C 105 17.69 5.81 -7.89
N ILE C 106 17.73 6.68 -6.89
CA ILE C 106 18.01 8.09 -7.11
C ILE C 106 19.50 8.34 -6.97
N LYS C 107 19.97 9.43 -7.58
CA LYS C 107 21.36 9.85 -7.50
C LYS C 107 21.46 11.06 -6.59
N ARG C 108 22.36 11.00 -5.62
CA ARG C 108 22.55 12.06 -4.65
C ARG C 108 23.96 12.61 -4.75
N THR C 109 24.13 13.86 -4.31
CA THR C 109 25.46 14.42 -4.18
C THR C 109 26.25 13.62 -3.15
N VAL C 110 27.57 13.53 -3.36
CA VAL C 110 28.40 12.70 -2.49
C VAL C 110 28.29 13.19 -1.05
N ALA C 111 27.99 12.27 -0.14
CA ALA C 111 27.80 12.59 1.26
C ALA C 111 28.66 11.68 2.11
N ALA C 112 29.28 12.25 3.15
CA ALA C 112 30.20 11.50 4.00
C ALA C 112 29.44 10.71 5.04
N PRO C 113 29.89 9.49 5.35
CA PRO C 113 29.20 8.67 6.36
C PRO C 113 29.55 9.10 7.77
N SER C 114 28.56 9.01 8.66
CA SER C 114 28.76 9.24 10.08
C SER C 114 29.02 7.89 10.74
N VAL C 115 30.16 7.77 11.42
CA VAL C 115 30.63 6.49 11.96
C VAL C 115 30.36 6.46 13.46
N PHE C 116 29.80 5.34 13.92
CA PHE C 116 29.55 5.14 15.34
C PHE C 116 29.86 3.70 15.71
N ILE C 117 30.65 3.51 16.78
CA ILE C 117 31.04 2.17 17.21
C ILE C 117 30.38 1.89 18.56
N PHE C 118 29.52 0.87 18.58
CA PHE C 118 28.84 0.46 19.80
C PHE C 118 29.50 -0.79 20.35
N PRO C 119 30.01 -0.74 21.58
CA PRO C 119 30.59 -1.93 22.21
C PRO C 119 29.52 -2.95 22.56
N PRO C 120 29.90 -4.17 22.92
CA PRO C 120 28.88 -5.16 23.32
C PRO C 120 28.28 -4.84 24.67
N SER C 121 27.07 -5.33 24.89
CA SER C 121 26.40 -5.16 26.16
C SER C 121 26.91 -6.18 27.17
N ASP C 122 26.91 -5.78 28.44
CA ASP C 122 27.32 -6.70 29.50
C ASP C 122 26.36 -7.87 29.62
N GLU C 123 25.09 -7.68 29.26
CA GLU C 123 24.14 -8.78 29.23
C GLU C 123 24.54 -9.81 28.17
N GLN C 124 24.82 -9.34 26.96
CA GLN C 124 25.31 -10.23 25.92
C GLN C 124 26.62 -10.88 26.33
N LEU C 125 27.50 -10.12 26.99
CA LEU C 125 28.75 -10.68 27.48
C LEU C 125 28.50 -11.81 28.46
N LYS C 126 27.49 -11.67 29.31
CA LYS C 126 27.11 -12.76 30.21
C LYS C 126 26.51 -13.92 29.44
N SER C 127 25.86 -13.65 28.31
CA SER C 127 25.27 -14.71 27.49
C SER C 127 26.32 -15.63 26.88
N GLY C 128 27.59 -15.24 26.89
CA GLY C 128 28.67 -16.06 26.37
C GLY C 128 29.21 -15.63 25.03
N THR C 129 28.57 -14.66 24.38
CA THR C 129 29.00 -14.20 23.06
C THR C 129 28.74 -12.70 22.97
N ALA C 130 29.79 -11.93 22.67
CA ALA C 130 29.70 -10.48 22.54
C ALA C 130 29.72 -10.07 21.08
N SER C 131 29.20 -8.89 20.80
CA SER C 131 29.11 -8.36 19.45
C SER C 131 29.39 -6.87 19.47
N VAL C 132 30.39 -6.45 18.69
CA VAL C 132 30.73 -5.04 18.51
C VAL C 132 30.15 -4.59 17.18
N VAL C 133 29.57 -3.39 17.15
CA VAL C 133 28.86 -2.94 15.96
C VAL C 133 29.45 -1.63 15.48
N CYS C 134 29.55 -1.48 14.16
CA CYS C 134 29.96 -0.23 13.52
C CYS C 134 28.84 0.25 12.60
N LEU C 135 28.64 1.57 12.57
CA LEU C 135 27.50 2.19 11.92
C LEU C 135 27.96 3.31 11.01
N LEU C 136 27.42 3.32 9.78
CA LEU C 136 27.62 4.38 8.79
C LEU C 136 26.23 4.94 8.47
N ASN C 137 25.94 6.14 8.96
CA ASN C 137 24.55 6.57 9.04
C ASN C 137 24.01 7.13 7.72
N ASN C 138 24.76 8.00 7.05
CA ASN C 138 24.21 8.72 5.91
C ASN C 138 25.33 8.92 4.88
N PHE C 139 25.35 8.08 3.84
CA PHE C 139 26.41 8.18 2.85
C PHE C 139 25.89 7.80 1.47
N TYR C 140 26.36 8.54 0.46
CA TYR C 140 26.17 8.23 -0.94
C TYR C 140 27.50 8.58 -1.61
N PRO C 141 28.06 7.71 -2.46
CA PRO C 141 27.47 6.45 -2.93
C PRO C 141 27.50 5.31 -1.92
N ARG C 142 26.82 4.21 -2.26
CA ARG C 142 26.71 3.06 -1.39
C ARG C 142 28.07 2.41 -1.10
N GLU C 143 29.07 2.68 -1.92
CA GLU C 143 30.36 2.01 -1.78
C GLU C 143 31.10 2.55 -0.55
N ALA C 144 31.45 1.65 0.35
CA ALA C 144 32.19 2.00 1.55
C ALA C 144 32.96 0.79 2.05
N LYS C 145 34.10 1.03 2.68
CA LYS C 145 34.95 -0.03 3.20
C LYS C 145 35.03 0.10 4.72
N VAL C 146 34.55 -0.92 5.43
CA VAL C 146 34.58 -0.97 6.88
C VAL C 146 35.58 -2.04 7.29
N GLN C 147 36.55 -1.66 8.12
CA GLN C 147 37.62 -2.56 8.52
C GLN C 147 37.71 -2.60 10.04
N TRP C 148 37.67 -3.80 10.60
CA TRP C 148 37.78 -3.98 12.04
C TRP C 148 39.25 -4.14 12.42
N LYS C 149 39.68 -3.43 13.45
CA LYS C 149 41.03 -3.57 13.98
C LYS C 149 40.95 -3.84 15.47
N VAL C 150 41.37 -5.02 15.88
CA VAL C 150 41.37 -5.43 17.28
C VAL C 150 42.82 -5.51 17.74
N ASP C 151 43.16 -4.69 18.74
CA ASP C 151 44.53 -4.58 19.24
C ASP C 151 45.50 -4.30 18.08
N ASN C 152 45.11 -3.37 17.21
CA ASN C 152 45.88 -3.00 16.02
C ASN C 152 46.14 -4.19 15.11
N ALA C 153 45.20 -5.14 15.10
CA ALA C 153 45.25 -6.28 14.19
C ALA C 153 44.07 -6.17 13.23
N LEU C 154 44.38 -6.17 11.94
CA LEU C 154 43.40 -5.94 10.88
C LEU C 154 42.62 -7.24 10.70
N GLN C 155 41.50 -7.36 11.39
CA GLN C 155 40.77 -8.63 11.51
C GLN C 155 39.67 -8.71 10.45
N SER C 156 39.69 -9.78 9.66
CA SER C 156 38.71 -10.02 8.61
C SER C 156 38.18 -11.45 8.74
N GLY C 157 36.86 -11.59 8.81
CA GLY C 157 36.26 -12.92 8.89
C GLY C 157 34.96 -12.94 9.66
N ASN C 158 35.02 -12.61 10.95
CA ASN C 158 33.82 -12.60 11.79
C ASN C 158 32.86 -11.46 11.45
N SER C 159 33.26 -10.54 10.57
CA SER C 159 32.42 -9.40 10.25
C SER C 159 31.25 -9.81 9.37
N GLN C 160 30.16 -9.05 9.48
CA GLN C 160 28.98 -9.26 8.66
C GLN C 160 28.33 -7.91 8.43
N GLU C 161 28.11 -7.56 7.17
CA GLU C 161 27.65 -6.23 6.79
C GLU C 161 26.20 -6.27 6.31
N SER C 162 25.44 -5.24 6.66
CA SER C 162 24.06 -5.08 6.22
C SER C 162 23.83 -3.63 5.83
N VAL C 163 23.31 -3.41 4.63
CA VAL C 163 23.10 -2.08 4.08
C VAL C 163 21.61 -1.86 3.90
N THR C 164 21.12 -0.71 4.37
CA THR C 164 19.74 -0.34 4.11
C THR C 164 19.58 0.13 2.67
N GLU C 165 18.32 0.35 2.28
CA GLU C 165 18.03 0.88 0.97
C GLU C 165 18.06 2.41 0.99
N GLN C 166 17.95 3.01 -0.18
CA GLN C 166 18.02 4.47 -0.30
C GLN C 166 16.87 5.12 0.46
N ASP C 167 17.20 6.08 1.31
CA ASP C 167 16.19 6.78 2.09
C ASP C 167 15.22 7.53 1.17
N SER C 168 13.95 7.55 1.55
CA SER C 168 12.91 8.17 0.73
C SER C 168 12.89 9.68 0.82
N LYS C 169 13.78 10.28 1.62
CA LYS C 169 13.86 11.73 1.74
C LYS C 169 15.24 12.30 1.44
N ASP C 170 16.30 11.56 1.72
CA ASP C 170 17.65 12.02 1.48
C ASP C 170 18.41 11.20 0.45
N SER C 171 17.87 10.06 0.02
CA SER C 171 18.57 9.13 -0.89
C SER C 171 19.92 8.72 -0.31
N THR C 172 19.97 8.53 1.00
CA THR C 172 21.19 8.21 1.72
C THR C 172 21.14 6.78 2.22
N TYR C 173 22.20 6.02 1.96
CA TYR C 173 22.30 4.66 2.45
C TYR C 173 22.84 4.63 3.88
N SER C 174 22.76 3.47 4.50
CA SER C 174 23.28 3.26 5.85
C SER C 174 23.79 1.84 5.96
N LEU C 175 24.94 1.68 6.62
CA LEU C 175 25.60 0.38 6.71
C LEU C 175 25.86 0.02 8.16
N SER C 176 25.85 -1.27 8.46
CA SER C 176 26.12 -1.78 9.79
C SER C 176 26.99 -3.02 9.69
N SER C 177 28.12 -3.00 10.38
CA SER C 177 29.05 -4.13 10.41
C SER C 177 29.07 -4.71 11.82
N THR C 178 28.78 -6.02 11.93
CA THR C 178 28.63 -6.67 13.22
C THR C 178 29.74 -7.71 13.38
N LEU C 179 30.70 -7.42 14.25
CA LEU C 179 31.76 -8.34 14.61
C LEU C 179 31.31 -9.17 15.80
N THR C 180 31.28 -10.49 15.64
CA THR C 180 30.82 -11.40 16.67
C THR C 180 32.02 -12.17 17.23
N LEU C 181 32.23 -12.08 18.55
CA LEU C 181 33.37 -12.73 19.19
C LEU C 181 32.91 -13.41 20.47
N SER C 182 33.49 -14.57 20.75
CA SER C 182 33.22 -15.23 22.02
C SER C 182 33.69 -14.36 23.19
N LYS C 183 33.05 -14.56 24.34
CA LYS C 183 33.38 -13.74 25.51
C LYS C 183 34.83 -13.91 25.93
N ALA C 184 35.38 -15.12 25.79
CA ALA C 184 36.78 -15.34 26.16
C ALA C 184 37.72 -14.65 25.17
N ASP C 185 37.44 -14.78 23.87
CA ASP C 185 38.29 -14.14 22.87
C ASP C 185 38.18 -12.63 22.91
N TYR C 186 37.02 -12.10 23.33
CA TYR C 186 36.85 -10.66 23.41
C TYR C 186 37.63 -10.08 24.58
N GLU C 187 37.72 -10.81 25.68
CA GLU C 187 38.42 -10.34 26.86
C GLU C 187 39.94 -10.49 26.75
N LYS C 188 40.43 -11.09 25.67
CA LYS C 188 41.88 -11.19 25.48
C LYS C 188 42.49 -9.86 25.03
N HIS C 189 41.75 -9.06 24.28
CA HIS C 189 42.24 -7.82 23.72
C HIS C 189 41.56 -6.63 24.38
N LYS C 190 41.99 -5.42 24.00
CA LYS C 190 41.50 -4.21 24.63
C LYS C 190 40.98 -3.21 23.60
N VAL C 191 41.83 -2.79 22.67
CA VAL C 191 41.46 -1.76 21.70
C VAL C 191 40.62 -2.40 20.59
N TYR C 192 39.45 -1.83 20.35
CA TYR C 192 38.55 -2.29 19.30
C TYR C 192 38.16 -1.08 18.46
N ALA C 193 38.53 -1.07 17.18
CA ALA C 193 38.34 0.10 16.34
C ALA C 193 37.72 -0.31 15.01
N CYS C 194 37.00 0.64 14.41
CA CYS C 194 36.37 0.48 13.11
C CYS C 194 36.83 1.62 12.22
N GLU C 195 37.49 1.28 11.11
CA GLU C 195 38.02 2.26 10.17
C GLU C 195 37.16 2.26 8.92
N VAL C 196 36.80 3.46 8.46
CA VAL C 196 35.86 3.64 7.36
C VAL C 196 36.57 4.38 6.23
N THR C 197 36.46 3.85 5.02
CA THR C 197 36.95 4.48 3.80
C THR C 197 35.76 4.73 2.88
N HIS C 198 35.62 5.98 2.42
CA HIS C 198 34.49 6.38 1.61
C HIS C 198 34.89 7.53 0.71
N GLN C 199 34.09 7.77 -0.34
CA GLN C 199 34.38 8.83 -1.29
C GLN C 199 34.39 10.19 -0.61
N GLY C 200 33.32 10.51 0.13
CA GLY C 200 33.24 11.79 0.81
C GLY C 200 34.27 11.98 1.90
N LEU C 201 34.90 10.90 2.36
CA LEU C 201 35.93 10.96 3.39
C LEU C 201 37.29 11.04 2.71
N SER C 202 37.93 12.21 2.79
CA SER C 202 39.25 12.37 2.19
C SER C 202 40.28 11.47 2.85
N SER C 203 40.10 11.16 4.13
CA SER C 203 40.98 10.26 4.85
C SER C 203 40.14 9.26 5.64
N PRO C 204 40.59 8.01 5.74
CA PRO C 204 39.84 7.01 6.51
C PRO C 204 39.61 7.48 7.95
N VAL C 205 38.41 7.21 8.46
CA VAL C 205 38.01 7.68 9.79
C VAL C 205 37.90 6.46 10.71
N THR C 206 38.61 6.49 11.82
CA THR C 206 38.66 5.37 12.75
C THR C 206 37.98 5.76 14.06
N LYS C 207 36.96 4.99 14.43
CA LYS C 207 36.27 5.15 15.71
C LYS C 207 36.60 3.96 16.59
N SER C 208 37.12 4.23 17.78
CA SER C 208 37.69 3.19 18.63
C SER C 208 37.07 3.22 20.03
N PHE C 209 37.27 2.12 20.75
CA PHE C 209 36.89 2.02 22.15
C PHE C 209 37.82 1.01 22.82
N ASN C 210 37.83 1.04 24.15
CA ASN C 210 38.68 0.16 24.94
C ASN C 210 37.89 -0.39 26.11
N ARG C 211 38.07 -1.69 26.38
CA ARG C 211 37.40 -2.34 27.49
C ARG C 211 38.31 -2.42 28.72
C1 NAG D . -27.47 15.61 -23.76
C2 NAG D . -28.02 14.29 -24.32
C3 NAG D . -28.14 14.34 -25.83
C4 NAG D . -28.71 15.69 -26.25
C5 NAG D . -27.67 16.76 -25.98
C6 NAG D . -28.27 18.12 -25.70
C7 NAG D . -27.52 12.34 -22.90
C8 NAG D . -28.81 12.64 -22.19
N2 NAG D . -27.20 13.16 -23.90
O3 NAG D . -29.00 13.29 -26.28
O4 NAG D . -29.02 15.67 -27.65
O5 NAG D . -26.85 16.41 -24.85
O6 NAG D . -28.23 18.95 -26.85
O7 NAG D . -26.80 11.40 -22.58
#